data_7C90
#
_entry.id   7C90
#
_cell.length_a   61.760
_cell.length_b   76.060
_cell.length_c   66.440
_cell.angle_alpha   90.000
_cell.angle_beta   106.850
_cell.angle_gamma   90.000
#
_symmetry.space_group_name_H-M   'P 1 21 1'
#
loop_
_entity.id
_entity.type
_entity.pdbx_description
1 polymer 'Cytochrome c, mono-and diheme variant'
2 non-polymer 'HEME C'
3 non-polymer '4-(2-HYDROXYETHYL)-1-PIPERAZINE ETHANESULFONIC ACID'
4 non-polymer GLYCEROL
5 non-polymer 'CALCIUM ION'
6 non-polymer 'FE (III) ION'
7 non-polymer 'SODIUM ION'
8 water water
#
_entity_poly.entity_id   1
_entity_poly.type   'polypeptide(L)'
_entity_poly.pdbx_seq_one_letter_code
;MTIKTFLPKKIRGIALLTVSVLSVVMIPVAQSQLVFRNTVTGDVLDLSFGKKGEKTEAVEHFLNTGENLYNTDDEAIKAG
ESLFMTACSGCHGHHAEGKLGPALGDDYYTYPKNANDKGLFETIYGGARSMMGPQYNNLTKDEILHIMAWVRSVYWGSAD
KADWLTEEQKANFKPAEVPEDFKEAMDNFNKTHH
;
_entity_poly.pdbx_strand_id   A,B,C,D
#
loop_
_chem_comp.id
_chem_comp.type
_chem_comp.name
_chem_comp.formula
CA non-polymer 'CALCIUM ION' 'Ca 2'
EPE non-polymer '4-(2-HYDROXYETHYL)-1-PIPERAZINE ETHANESULFONIC ACID' 'C8 H18 N2 O4 S'
FE non-polymer 'FE (III) ION' 'Fe 3'
GOL non-polymer GLYCEROL 'C3 H8 O3'
HEC non-polymer 'HEME C' 'C34 H34 Fe N4 O4'
NA non-polymer 'SODIUM ION' 'Na 1'
#
# COMPACT_ATOMS: atom_id res chain seq x y z
N GLN A 33 4.49 33.15 16.38
CA GLN A 33 5.66 32.55 15.67
C GLN A 33 5.53 31.03 15.78
N LEU A 34 4.60 30.43 15.02
CA LEU A 34 4.35 28.98 15.07
C LEU A 34 5.49 28.18 14.44
N VAL A 35 5.93 27.13 15.11
CA VAL A 35 6.96 26.21 14.56
C VAL A 35 6.25 24.98 13.97
N PHE A 36 6.21 24.87 12.65
CA PHE A 36 5.59 23.70 11.99
C PHE A 36 6.65 22.63 11.80
N ARG A 37 6.35 21.41 12.24
CA ARG A 37 7.34 20.31 12.18
C ARG A 37 6.80 19.08 11.46
N ASN A 38 7.70 18.44 10.72
CA ASN A 38 7.51 17.16 10.02
C ASN A 38 7.06 16.08 11.02
N THR A 39 6.00 15.36 10.67
CA THR A 39 5.32 14.36 11.52
C THR A 39 6.26 13.20 11.87
N VAL A 40 7.17 12.83 10.96
CA VAL A 40 8.09 11.66 11.11
C VAL A 40 9.47 12.13 11.58
N THR A 41 10.06 13.13 10.93
CA THR A 41 11.48 13.52 11.15
C THR A 41 11.60 14.55 12.26
N GLY A 42 10.54 15.29 12.62
CA GLY A 42 10.65 16.41 13.58
C GLY A 42 11.37 17.61 12.97
N ASP A 43 11.85 17.54 11.73
CA ASP A 43 12.45 18.72 11.05
C ASP A 43 11.41 19.84 10.90
N VAL A 44 11.88 21.09 10.92
CA VAL A 44 11.05 22.29 10.67
C VAL A 44 10.56 22.26 9.23
N LEU A 45 9.28 22.56 9.05
CA LEU A 45 8.64 22.71 7.74
C LEU A 45 8.76 24.19 7.38
N ASP A 46 9.40 24.47 6.25
CA ASP A 46 9.48 25.76 5.54
C ASP A 46 8.20 25.91 4.71
N LEU A 47 7.27 26.73 5.17
CA LEU A 47 5.93 26.84 4.55
C LEU A 47 5.97 27.64 3.26
N SER A 48 7.06 28.36 2.98
CA SER A 48 7.24 29.12 1.71
C SER A 48 7.54 28.16 0.55
N PHE A 49 7.81 26.87 0.84
CA PHE A 49 8.03 25.83 -0.18
C PHE A 49 6.70 25.46 -0.83
N GLY A 50 6.76 25.04 -2.09
CA GLY A 50 5.67 24.33 -2.74
C GLY A 50 4.82 25.24 -3.60
N LYS A 51 3.68 24.71 -4.05
CA LYS A 51 2.70 25.36 -4.96
C LYS A 51 2.12 26.62 -4.27
N LYS A 52 2.33 27.78 -4.88
CA LYS A 52 1.76 29.08 -4.45
C LYS A 52 0.36 29.22 -5.04
N GLY A 53 -0.62 29.56 -4.20
CA GLY A 53 -1.95 30.07 -4.62
C GLY A 53 -2.09 31.53 -4.23
N GLU A 54 -3.27 32.12 -4.43
CA GLU A 54 -3.69 33.38 -3.74
C GLU A 54 -3.37 33.21 -2.24
N LYS A 55 -2.95 34.29 -1.58
CA LYS A 55 -2.63 34.29 -0.12
C LYS A 55 -3.91 34.64 0.67
N THR A 56 -4.78 33.65 0.89
CA THR A 56 -6.17 33.82 1.39
C THR A 56 -6.16 34.16 2.88
N GLU A 57 -7.33 34.57 3.40
CA GLU A 57 -7.53 34.91 4.82
C GLU A 57 -7.40 33.65 5.69
N ALA A 58 -7.96 32.52 5.25
CA ALA A 58 -7.85 31.22 5.96
C ALA A 58 -6.37 30.84 6.10
N VAL A 59 -5.57 30.99 5.04
CA VAL A 59 -4.14 30.59 5.11
C VAL A 59 -3.41 31.55 6.06
N GLU A 60 -3.62 32.86 5.93
CA GLU A 60 -2.90 33.83 6.81
C GLU A 60 -3.31 33.54 8.26
N HIS A 61 -4.60 33.33 8.50
CA HIS A 61 -5.13 33.01 9.86
C HIS A 61 -4.45 31.74 10.39
N PHE A 62 -4.32 30.73 9.53
CA PHE A 62 -3.81 29.40 9.94
C PHE A 62 -2.33 29.55 10.31
N LEU A 63 -1.54 30.25 9.49
CA LEU A 63 -0.09 30.39 9.73
C LEU A 63 0.16 31.08 11.07
N ASN A 64 -0.79 31.90 11.54
CA ASN A 64 -0.65 32.70 12.78
C ASN A 64 -1.16 31.93 14.01
N THR A 65 -2.18 31.08 13.86
CA THR A 65 -2.97 30.56 15.00
C THR A 65 -3.09 29.03 14.99
N GLY A 66 -2.82 28.37 13.87
CA GLY A 66 -3.02 26.92 13.75
C GLY A 66 -4.50 26.56 13.78
N GLU A 67 -5.40 27.54 13.56
CA GLU A 67 -6.87 27.35 13.47
C GLU A 67 -7.29 27.36 11.99
N ASN A 68 -8.17 26.43 11.60
CA ASN A 68 -8.66 26.29 10.21
C ASN A 68 -10.05 26.92 10.10
N LEU A 69 -10.15 28.16 9.58
CA LEU A 69 -11.42 28.91 9.46
C LEU A 69 -12.41 28.12 8.62
N TYR A 70 -11.95 27.21 7.74
CA TYR A 70 -12.88 26.53 6.81
C TYR A 70 -13.66 25.43 7.53
N ASN A 71 -13.34 25.05 8.77
CA ASN A 71 -14.06 23.97 9.48
C ASN A 71 -15.58 24.24 9.54
N THR A 72 -16.03 25.50 9.51
CA THR A 72 -17.45 25.88 9.72
C THR A 72 -18.09 26.32 8.41
N ASP A 73 -17.37 26.23 7.29
CA ASP A 73 -17.76 26.91 6.02
C ASP A 73 -18.23 25.82 5.05
N ASP A 74 -19.54 25.76 4.80
CA ASP A 74 -20.19 24.67 4.01
C ASP A 74 -19.69 24.67 2.57
N GLU A 75 -19.50 25.84 1.99
CA GLU A 75 -18.97 26.02 0.60
C GLU A 75 -17.54 25.45 0.56
N ALA A 76 -16.73 25.73 1.57
CA ALA A 76 -15.31 25.31 1.62
C ALA A 76 -15.27 23.78 1.77
N ILE A 77 -16.12 23.24 2.63
CA ILE A 77 -16.22 21.80 2.88
C ILE A 77 -16.55 21.09 1.56
N LYS A 78 -17.47 21.67 0.76
CA LYS A 78 -17.88 21.09 -0.55
C LYS A 78 -16.67 21.05 -1.49
N ALA A 79 -15.92 22.14 -1.61
CA ALA A 79 -14.69 22.22 -2.44
C ALA A 79 -13.61 21.27 -1.90
N GLY A 80 -13.50 21.09 -0.57
CA GLY A 80 -12.55 20.15 0.05
C GLY A 80 -12.89 18.70 -0.30
N GLU A 81 -14.17 18.37 -0.43
CA GLU A 81 -14.61 16.98 -0.75
C GLU A 81 -14.02 16.61 -2.11
N SER A 82 -14.16 17.50 -3.08
CA SER A 82 -13.73 17.29 -4.48
C SER A 82 -12.19 17.20 -4.53
N LEU A 83 -11.46 17.96 -3.71
CA LEU A 83 -9.96 17.97 -3.69
C LEU A 83 -9.43 16.69 -3.03
N PHE A 84 -10.10 16.22 -1.98
CA PHE A 84 -9.82 14.94 -1.31
C PHE A 84 -9.98 13.77 -2.29
N MET A 85 -11.07 13.75 -3.08
CA MET A 85 -11.29 12.65 -4.07
C MET A 85 -10.11 12.61 -5.03
N THR A 86 -9.65 13.75 -5.52
CA THR A 86 -8.54 13.81 -6.51
C THR A 86 -7.20 13.39 -5.85
N ALA A 87 -6.91 13.86 -4.64
CA ALA A 87 -5.56 13.84 -4.05
C ALA A 87 -5.37 12.70 -3.09
N CYS A 88 -6.45 12.17 -2.49
CA CYS A 88 -6.38 11.36 -1.26
C CYS A 88 -7.16 10.05 -1.41
N SER A 89 -8.26 10.02 -2.18
CA SER A 89 -9.25 8.91 -2.11
C SER A 89 -8.61 7.59 -2.51
N GLY A 90 -7.70 7.62 -3.48
CA GLY A 90 -7.03 6.40 -3.99
C GLY A 90 -6.36 5.62 -2.86
N CYS A 91 -5.81 6.28 -1.84
CA CYS A 91 -5.15 5.59 -0.71
C CYS A 91 -6.03 5.58 0.54
N HIS A 92 -6.89 6.58 0.76
CA HIS A 92 -7.63 6.70 2.05
C HIS A 92 -9.13 6.31 1.90
N GLY A 93 -9.61 6.01 0.70
CA GLY A 93 -11.01 5.59 0.49
C GLY A 93 -11.90 6.81 0.23
N HIS A 94 -12.95 6.66 -0.60
CA HIS A 94 -13.85 7.76 -1.03
C HIS A 94 -14.65 8.29 0.18
N HIS A 95 -14.74 7.55 1.28
CA HIS A 95 -15.42 7.99 2.53
C HIS A 95 -14.41 8.14 3.68
N ALA A 96 -13.11 8.24 3.39
CA ALA A 96 -12.04 8.34 4.40
C ALA A 96 -12.10 7.15 5.37
N GLU A 97 -12.55 6.00 4.87
CA GLU A 97 -12.69 4.74 5.64
C GLU A 97 -11.34 4.00 5.66
N GLY A 98 -10.36 4.47 4.89
CA GLY A 98 -9.02 3.83 4.82
C GLY A 98 -9.01 2.74 3.76
N LYS A 99 -7.89 2.55 3.07
CA LYS A 99 -7.70 1.49 2.04
C LYS A 99 -6.24 1.03 2.16
N LEU A 100 -5.32 1.81 1.60
CA LEU A 100 -3.85 1.58 1.74
C LEU A 100 -3.35 2.34 2.98
N GLY A 101 -3.72 3.61 3.08
CA GLY A 101 -3.51 4.43 4.28
C GLY A 101 -4.68 4.26 5.24
N PRO A 102 -4.55 4.77 6.48
CA PRO A 102 -5.63 4.66 7.45
C PRO A 102 -6.93 5.42 7.17
N ALA A 103 -7.95 5.04 7.93
CA ALA A 103 -9.20 5.80 8.07
C ALA A 103 -8.82 7.18 8.61
N LEU A 104 -9.40 8.24 8.08
CA LEU A 104 -9.18 9.64 8.55
C LEU A 104 -10.40 10.19 9.31
N GLY A 105 -11.50 9.41 9.43
CA GLY A 105 -12.79 9.86 9.97
C GLY A 105 -13.03 9.39 11.40
N ASP A 106 -12.10 8.62 11.95
CA ASP A 106 -12.22 7.90 13.24
C ASP A 106 -11.43 8.64 14.32
N ASP A 107 -11.56 8.23 15.59
CA ASP A 107 -10.76 8.83 16.70
C ASP A 107 -9.52 7.99 16.97
N TYR A 108 -9.19 7.02 16.12
CA TYR A 108 -7.89 6.32 16.16
C TYR A 108 -6.89 7.03 15.25
N TYR A 109 -5.67 7.22 15.73
CA TYR A 109 -4.59 7.98 15.06
C TYR A 109 -3.30 7.16 15.06
N THR A 110 -2.59 7.16 13.95
CA THR A 110 -1.18 6.74 13.89
C THR A 110 -0.33 7.76 14.65
N TYR A 111 -0.55 9.04 14.41
CA TYR A 111 0.14 10.18 15.05
C TYR A 111 -0.88 11.01 15.81
N PRO A 112 -0.80 11.06 17.16
CA PRO A 112 -1.81 11.77 17.96
C PRO A 112 -2.00 13.27 17.66
N LYS A 113 -0.95 13.97 17.21
CA LYS A 113 -1.05 15.41 16.82
C LYS A 113 -2.10 15.58 15.72
N ASN A 114 -2.46 14.53 14.97
CA ASN A 114 -3.40 14.66 13.83
C ASN A 114 -4.82 14.88 14.35
N ALA A 115 -5.05 14.81 15.67
CA ALA A 115 -6.35 15.17 16.30
C ALA A 115 -6.54 16.70 16.32
N ASN A 116 -5.47 17.47 16.11
CA ASN A 116 -5.58 18.95 16.05
C ASN A 116 -5.18 19.43 14.65
N ASP A 117 -5.60 20.64 14.27
CA ASP A 117 -5.46 21.13 12.87
C ASP A 117 -3.98 21.48 12.57
N LYS A 118 -3.20 21.92 13.55
CA LYS A 118 -1.76 22.21 13.28
C LYS A 118 -1.06 20.92 12.89
N GLY A 119 -1.31 19.83 13.63
CA GLY A 119 -0.67 18.54 13.32
C GLY A 119 -1.13 17.99 11.98
N LEU A 120 -2.43 18.03 11.71
CA LEU A 120 -3.03 17.50 10.46
C LEU A 120 -2.40 18.21 9.27
N PHE A 121 -2.32 19.54 9.31
CA PHE A 121 -1.69 20.32 8.22
C PHE A 121 -0.24 19.82 8.07
N GLU A 122 0.49 19.64 9.16
CA GLU A 122 1.92 19.21 9.08
C GLU A 122 2.00 17.87 8.37
N THR A 123 1.11 16.94 8.68
CA THR A 123 1.17 15.56 8.14
C THR A 123 0.92 15.68 6.63
N ILE A 124 -0.06 16.46 6.22
CA ILE A 124 -0.41 16.60 4.79
C ILE A 124 0.71 17.36 4.08
N TYR A 125 1.09 18.52 4.61
CA TYR A 125 2.09 19.39 3.92
C TYR A 125 3.42 18.64 3.75
N GLY A 126 3.97 18.10 4.86
CA GLY A 126 5.32 17.53 5.00
C GLY A 126 5.38 16.04 4.76
N GLY A 127 4.23 15.36 4.71
CA GLY A 127 4.16 13.90 4.50
C GLY A 127 4.49 13.14 5.76
N ALA A 128 4.42 11.84 5.69
CA ALA A 128 4.74 10.92 6.81
C ALA A 128 5.63 9.83 6.23
N ARG A 129 5.43 8.55 6.60
CA ARG A 129 6.29 7.43 6.16
C ARG A 129 5.79 6.90 4.81
N SER A 130 6.62 6.13 4.14
CA SER A 130 6.24 5.19 3.06
C SER A 130 5.50 5.99 1.97
N MET A 131 4.32 5.52 1.58
CA MET A 131 3.51 6.12 0.49
C MET A 131 2.83 7.43 0.89
N MET A 132 2.98 7.89 2.12
CA MET A 132 2.32 9.17 2.48
C MET A 132 3.32 10.28 2.20
N GLY A 133 3.39 10.69 0.94
CA GLY A 133 4.35 11.71 0.51
C GLY A 133 3.93 13.11 0.89
N PRO A 134 4.86 14.08 0.95
CA PRO A 134 4.49 15.46 1.22
C PRO A 134 3.64 16.00 0.05
N GLN A 135 2.66 16.83 0.34
CA GLN A 135 1.79 17.37 -0.72
C GLN A 135 2.12 18.83 -1.01
N TYR A 136 3.20 19.36 -0.46
CA TYR A 136 3.54 20.78 -0.65
C TYR A 136 3.67 21.16 -2.13
N ASN A 137 4.06 20.23 -2.99
CA ASN A 137 4.25 20.56 -4.44
C ASN A 137 2.97 20.28 -5.23
N ASN A 138 2.03 19.52 -4.67
CA ASN A 138 0.82 19.02 -5.37
C ASN A 138 -0.37 19.95 -5.12
N LEU A 139 -0.43 20.60 -3.94
CA LEU A 139 -1.59 21.36 -3.42
C LEU A 139 -1.11 22.68 -2.82
N THR A 140 -1.86 23.77 -3.02
CA THR A 140 -1.66 25.03 -2.29
C THR A 140 -2.04 24.83 -0.81
N LYS A 141 -1.55 25.71 0.04
CA LYS A 141 -1.90 25.73 1.48
C LYS A 141 -3.41 25.92 1.63
N ASP A 142 -4.02 26.75 0.79
CA ASP A 142 -5.49 26.99 0.85
C ASP A 142 -6.22 25.69 0.50
N GLU A 143 -5.71 24.93 -0.48
CA GLU A 143 -6.33 23.65 -0.89
C GLU A 143 -6.21 22.63 0.23
N ILE A 144 -5.07 22.60 0.91
CA ILE A 144 -4.88 21.67 2.07
C ILE A 144 -5.91 22.01 3.15
N LEU A 145 -6.14 23.28 3.46
CA LEU A 145 -7.11 23.66 4.51
C LEU A 145 -8.54 23.28 4.08
N HIS A 146 -8.87 23.39 2.80
CA HIS A 146 -10.18 22.91 2.25
C HIS A 146 -10.33 21.42 2.53
N ILE A 147 -9.30 20.66 2.18
CA ILE A 147 -9.32 19.17 2.35
C ILE A 147 -9.47 18.88 3.84
N MET A 148 -8.73 19.61 4.67
CA MET A 148 -8.79 19.41 6.13
C MET A 148 -10.21 19.68 6.65
N ALA A 149 -10.84 20.79 6.26
CA ALA A 149 -12.24 21.07 6.71
C ALA A 149 -13.13 19.87 6.33
N TRP A 150 -13.00 19.33 5.13
CA TRP A 150 -13.85 18.20 4.67
C TRP A 150 -13.57 16.96 5.53
N VAL A 151 -12.30 16.65 5.80
CA VAL A 151 -11.91 15.48 6.63
C VAL A 151 -12.56 15.62 8.01
N ARG A 152 -12.57 16.84 8.59
CA ARG A 152 -13.19 17.02 9.93
C ARG A 152 -14.71 16.85 9.83
N SER A 153 -15.33 17.26 8.73
CA SER A 153 -16.81 17.30 8.55
C SER A 153 -17.38 15.88 8.51
N VAL A 154 -16.58 14.87 8.10
CA VAL A 154 -17.08 13.47 7.92
C VAL A 154 -16.73 12.63 9.15
N TYR A 155 -16.13 13.25 10.18
CA TYR A 155 -15.72 12.59 11.44
C TYR A 155 -16.92 11.88 12.09
N TRP A 156 -16.69 10.65 12.54
CA TRP A 156 -17.69 9.74 13.16
C TRP A 156 -17.17 9.25 14.51
N GLY A 157 -16.06 9.81 14.99
CA GLY A 157 -15.51 9.48 16.31
C GLY A 157 -16.18 10.27 17.43
N SER A 158 -15.62 10.21 18.63
CA SER A 158 -16.18 10.83 19.85
C SER A 158 -15.78 12.31 19.90
N ALA A 159 -16.65 13.15 20.44
CA ALA A 159 -16.43 14.61 20.60
C ALA A 159 -15.25 14.83 21.55
N ASP A 160 -15.07 13.92 22.51
CA ASP A 160 -14.07 14.07 23.60
C ASP A 160 -12.66 14.05 22.99
N LYS A 161 -12.47 13.38 21.86
CA LYS A 161 -11.10 13.19 21.28
C LYS A 161 -10.90 14.19 20.14
N ALA A 162 -11.90 15.00 19.79
CA ALA A 162 -11.87 15.95 18.64
C ALA A 162 -11.16 17.25 19.05
N ASP A 163 -9.83 17.24 19.08
CA ASP A 163 -9.03 18.35 19.65
C ASP A 163 -9.25 19.64 18.86
N TRP A 164 -9.64 19.59 17.58
CA TRP A 164 -9.86 20.79 16.72
C TRP A 164 -11.15 21.54 17.12
N LEU A 165 -12.06 20.90 17.84
CA LEU A 165 -13.38 21.50 18.23
C LEU A 165 -13.23 22.30 19.53
N THR A 166 -13.91 23.44 19.62
CA THR A 166 -14.07 24.24 20.86
C THR A 166 -15.00 23.49 21.81
N GLU A 167 -14.98 23.85 23.10
CA GLU A 167 -15.85 23.21 24.13
C GLU A 167 -17.30 23.32 23.66
N GLU A 168 -17.68 24.46 23.09
CA GLU A 168 -19.03 24.77 22.56
C GLU A 168 -19.41 23.77 21.46
N GLN A 169 -18.51 23.57 20.51
CA GLN A 169 -18.73 22.67 19.34
C GLN A 169 -18.90 21.23 19.84
N LYS A 170 -18.04 20.79 20.78
CA LYS A 170 -18.12 19.44 21.38
C LYS A 170 -19.52 19.23 21.99
N ALA A 171 -19.96 20.16 22.83
CA ALA A 171 -21.26 20.08 23.54
C ALA A 171 -22.38 19.90 22.50
N ASN A 172 -22.24 20.47 21.29
CA ASN A 172 -23.29 20.48 20.22
C ASN A 172 -22.95 19.57 19.03
N PHE A 173 -22.07 18.58 19.21
CA PHE A 173 -21.51 17.75 18.11
C PHE A 173 -22.29 16.42 18.00
N LYS A 174 -22.70 16.03 16.79
CA LYS A 174 -23.19 14.66 16.49
C LYS A 174 -22.21 13.97 15.54
N PRO A 175 -21.64 12.81 15.92
CA PRO A 175 -20.79 12.03 15.00
C PRO A 175 -21.51 11.82 13.67
N ALA A 176 -20.77 12.00 12.57
CA ALA A 176 -21.30 11.76 11.20
C ALA A 176 -21.49 10.24 11.01
N GLU A 177 -22.03 9.88 9.85
CA GLU A 177 -22.34 8.48 9.44
C GLU A 177 -21.02 7.72 9.35
N VAL A 178 -20.89 6.62 10.10
CA VAL A 178 -19.80 5.63 9.95
C VAL A 178 -19.90 5.03 8.54
N PRO A 179 -18.78 4.90 7.80
CA PRO A 179 -18.77 4.08 6.60
C PRO A 179 -18.84 2.60 6.98
N GLU A 180 -19.60 1.84 6.20
CA GLU A 180 -19.73 0.35 6.25
C GLU A 180 -18.35 -0.29 6.42
N ASP A 181 -17.38 0.09 5.57
CA ASP A 181 -16.09 -0.62 5.37
C ASP A 181 -15.15 -0.39 6.56
N PHE A 182 -15.48 0.52 7.49
CA PHE A 182 -14.67 0.78 8.71
C PHE A 182 -14.81 -0.39 9.72
N LYS A 183 -15.87 -1.20 9.61
CA LYS A 183 -16.20 -2.30 10.55
C LYS A 183 -16.12 -1.78 12.00
N GLN B 33 -12.58 -14.45 34.10
CA GLN B 33 -12.32 -15.27 32.87
C GLN B 33 -11.54 -14.43 31.85
N LEU B 34 -10.50 -15.04 31.28
CA LEU B 34 -9.65 -14.44 30.22
C LEU B 34 -10.27 -14.72 28.84
N VAL B 35 -11.10 -13.79 28.37
CA VAL B 35 -11.69 -13.83 27.01
C VAL B 35 -10.85 -12.94 26.08
N PHE B 36 -10.50 -13.45 24.91
CA PHE B 36 -9.74 -12.71 23.86
C PHE B 36 -10.73 -12.16 22.84
N ARG B 37 -10.63 -10.85 22.59
CA ARG B 37 -11.57 -10.09 21.75
C ARG B 37 -10.81 -9.41 20.60
N ASN B 38 -11.41 -9.47 19.43
CA ASN B 38 -11.04 -8.77 18.19
C ASN B 38 -10.88 -7.27 18.47
N THR B 39 -9.70 -6.74 18.18
CA THR B 39 -9.35 -5.30 18.30
C THR B 39 -10.37 -4.40 17.57
N VAL B 40 -10.84 -4.78 16.39
CA VAL B 40 -11.79 -3.96 15.57
C VAL B 40 -13.23 -4.09 16.09
N THR B 41 -13.74 -5.32 16.21
CA THR B 41 -15.20 -5.61 16.37
C THR B 41 -15.59 -5.78 17.85
N GLY B 42 -14.66 -6.19 18.69
CA GLY B 42 -14.95 -6.57 20.09
C GLY B 42 -15.50 -7.98 20.20
N ASP B 43 -15.69 -8.69 19.08
CA ASP B 43 -16.21 -10.09 19.06
C ASP B 43 -15.18 -11.01 19.71
N VAL B 44 -15.64 -12.06 20.39
CA VAL B 44 -14.76 -13.09 20.98
C VAL B 44 -13.99 -13.76 19.83
N LEU B 45 -12.68 -13.90 20.01
CA LEU B 45 -11.77 -14.55 19.05
C LEU B 45 -11.89 -16.06 19.22
N ASP B 46 -12.05 -16.76 18.10
CA ASP B 46 -11.95 -18.23 17.99
C ASP B 46 -10.49 -18.62 17.68
N LEU B 47 -9.85 -19.33 18.60
CA LEU B 47 -8.42 -19.70 18.55
C LEU B 47 -8.22 -21.14 18.04
N SER B 48 -9.27 -21.81 17.59
CA SER B 48 -9.22 -23.25 17.21
C SER B 48 -8.83 -23.46 15.73
N PHE B 49 -8.77 -22.41 14.91
CA PHE B 49 -8.39 -22.57 13.48
C PHE B 49 -7.02 -21.92 13.27
N GLY B 50 -6.76 -21.44 12.06
CA GLY B 50 -5.44 -20.92 11.66
C GLY B 50 -4.42 -22.03 11.47
N LYS B 51 -3.17 -21.68 11.67
CA LYS B 51 -2.03 -22.64 11.71
C LYS B 51 -2.04 -23.30 13.08
N LYS B 52 -2.41 -24.57 13.12
CA LYS B 52 -2.57 -25.36 14.37
C LYS B 52 -1.24 -25.44 15.12
N GLY B 53 -0.17 -25.84 14.46
CA GLY B 53 1.13 -26.10 15.13
C GLY B 53 1.01 -27.12 16.25
N GLU B 54 1.56 -26.82 17.43
CA GLU B 54 1.57 -27.71 18.62
C GLU B 54 1.21 -26.90 19.86
N LYS B 55 0.42 -27.49 20.78
CA LYS B 55 0.16 -26.88 22.11
C LYS B 55 1.50 -26.87 22.85
N THR B 56 1.99 -25.67 23.21
CA THR B 56 3.27 -25.46 23.91
C THR B 56 2.95 -24.99 25.32
N GLU B 57 3.93 -25.09 26.21
CA GLU B 57 3.88 -24.53 27.59
C GLU B 57 3.53 -23.04 27.50
N ALA B 58 4.28 -22.27 26.70
CA ALA B 58 4.09 -20.81 26.58
C ALA B 58 2.64 -20.50 26.15
N VAL B 59 2.11 -21.23 25.17
CA VAL B 59 0.73 -20.94 24.67
C VAL B 59 -0.31 -21.30 25.74
N GLU B 60 -0.19 -22.46 26.40
CA GLU B 60 -1.16 -22.86 27.47
C GLU B 60 -1.15 -21.77 28.54
N HIS B 61 0.03 -21.41 29.02
CA HIS B 61 0.22 -20.41 30.08
C HIS B 61 -0.41 -19.08 29.64
N PHE B 62 -0.15 -18.66 28.40
CA PHE B 62 -0.66 -17.35 27.92
C PHE B 62 -2.18 -17.36 27.85
N LEU B 63 -2.77 -18.45 27.37
CA LEU B 63 -4.24 -18.52 27.24
C LEU B 63 -4.90 -18.52 28.62
N ASN B 64 -4.18 -18.93 29.68
CA ASN B 64 -4.68 -18.92 31.09
C ASN B 64 -4.46 -17.56 31.77
N THR B 65 -3.38 -16.83 31.49
CA THR B 65 -2.98 -15.66 32.31
C THR B 65 -2.81 -14.37 31.50
N GLY B 66 -2.48 -14.42 30.20
CA GLY B 66 -2.15 -13.23 29.42
C GLY B 66 -0.69 -12.84 29.58
N GLU B 67 0.09 -13.71 30.23
CA GLU B 67 1.55 -13.55 30.44
C GLU B 67 2.29 -14.31 29.33
N ASN B 68 3.23 -13.64 28.66
CA ASN B 68 4.12 -14.23 27.62
C ASN B 68 5.44 -14.68 28.28
N LEU B 69 5.62 -15.98 28.50
CA LEU B 69 6.87 -16.55 29.10
C LEU B 69 8.06 -16.24 28.21
N TYR B 70 7.86 -15.97 26.91
CA TYR B 70 9.01 -15.78 26.00
C TYR B 70 9.68 -14.42 26.23
N ASN B 71 9.03 -13.48 26.93
CA ASN B 71 9.50 -12.07 27.05
C ASN B 71 10.93 -12.04 27.63
N THR B 72 11.26 -12.97 28.52
CA THR B 72 12.59 -12.97 29.20
C THR B 72 13.43 -14.17 28.75
N ASP B 73 13.17 -14.71 27.56
CA ASP B 73 13.89 -15.90 27.02
C ASP B 73 14.67 -15.44 25.78
N ASP B 74 15.99 -15.36 25.91
CA ASP B 74 16.85 -14.71 24.90
C ASP B 74 16.81 -15.55 23.62
N GLU B 75 16.73 -16.89 23.76
CA GLU B 75 16.62 -17.85 22.64
C GLU B 75 15.31 -17.58 21.88
N ALA B 76 14.21 -17.34 22.59
CA ALA B 76 12.88 -17.11 22.02
C ALA B 76 12.85 -15.75 21.32
N ILE B 77 13.51 -14.75 21.91
CA ILE B 77 13.62 -13.39 21.33
C ILE B 77 14.34 -13.47 19.99
N LYS B 78 15.43 -14.23 19.91
CA LYS B 78 16.19 -14.43 18.65
C LYS B 78 15.30 -15.07 17.58
N ALA B 79 14.55 -16.14 17.90
CA ALA B 79 13.59 -16.76 16.97
C ALA B 79 12.51 -15.72 16.58
N GLY B 80 11.98 -14.97 17.54
CA GLY B 80 10.94 -13.95 17.24
C GLY B 80 11.44 -12.96 16.20
N GLU B 81 12.74 -12.66 16.23
CA GLU B 81 13.38 -11.65 15.35
C GLU B 81 13.23 -12.11 13.91
N SER B 82 13.55 -13.38 13.61
CA SER B 82 13.53 -13.92 12.23
C SER B 82 12.09 -14.04 11.76
N LEU B 83 11.20 -14.45 12.65
CA LEU B 83 9.75 -14.52 12.33
C LEU B 83 9.22 -13.12 12.04
N PHE B 84 9.59 -12.09 12.83
CA PHE B 84 9.15 -10.69 12.55
C PHE B 84 9.67 -10.24 11.18
N MET B 85 10.92 -10.48 10.84
CA MET B 85 11.48 -10.05 9.54
C MET B 85 10.66 -10.66 8.39
N THR B 86 10.32 -11.94 8.48
CA THR B 86 9.58 -12.68 7.43
C THR B 86 8.11 -12.20 7.35
N ALA B 87 7.44 -11.95 8.47
CA ALA B 87 5.97 -11.80 8.54
C ALA B 87 5.54 -10.32 8.64
N CYS B 88 6.38 -9.45 9.18
CA CYS B 88 5.98 -8.11 9.71
C CYS B 88 6.79 -6.98 9.08
N SER B 89 8.06 -7.22 8.70
CA SER B 89 9.00 -6.10 8.42
C SER B 89 8.57 -5.33 7.15
N GLY B 90 7.93 -6.00 6.20
CA GLY B 90 7.49 -5.44 4.91
C GLY B 90 6.54 -4.28 5.15
N CYS B 91 5.72 -4.35 6.18
CA CYS B 91 4.78 -3.24 6.51
C CYS B 91 5.23 -2.45 7.75
N HIS B 92 6.05 -3.00 8.66
CA HIS B 92 6.37 -2.30 9.94
C HIS B 92 7.85 -1.91 9.99
N GLY B 93 8.64 -2.29 8.98
CA GLY B 93 10.07 -1.92 8.92
C GLY B 93 10.94 -2.95 9.63
N HIS B 94 12.18 -3.10 9.18
CA HIS B 94 13.10 -4.11 9.72
C HIS B 94 13.41 -3.82 11.19
N HIS B 95 13.21 -2.60 11.68
CA HIS B 95 13.51 -2.25 13.10
C HIS B 95 12.24 -1.87 13.87
N ALA B 96 11.08 -2.29 13.35
CA ALA B 96 9.76 -2.03 13.96
C ALA B 96 9.54 -0.51 14.12
N GLU B 97 10.11 0.26 13.22
CA GLU B 97 10.14 1.75 13.24
C GLU B 97 8.94 2.29 12.45
N GLY B 98 8.14 1.43 11.84
CA GLY B 98 7.04 1.87 10.98
C GLY B 98 7.46 1.94 9.51
N LYS B 99 6.52 1.69 8.63
CA LYS B 99 6.66 1.92 7.16
C LYS B 99 5.25 2.23 6.62
N LEU B 100 4.50 1.24 6.14
CA LEU B 100 3.07 1.42 5.81
C LEU B 100 2.23 1.35 7.09
N GLY B 101 2.58 0.45 8.01
CA GLY B 101 1.95 0.35 9.34
C GLY B 101 2.75 1.14 10.38
N PRO B 102 2.17 1.37 11.55
CA PRO B 102 2.87 2.08 12.62
C PRO B 102 4.17 1.46 13.17
N ALA B 103 5.03 2.33 13.70
CA ALA B 103 6.12 1.99 14.63
C ALA B 103 5.53 1.13 15.76
N LEU B 104 6.22 0.05 16.13
CA LEU B 104 5.77 -0.87 17.19
C LEU B 104 6.69 -0.72 18.41
N GLY B 105 7.86 -0.08 18.29
CA GLY B 105 8.86 0.03 19.38
C GLY B 105 8.68 1.28 20.23
N ASP B 106 7.76 2.17 19.87
CA ASP B 106 7.57 3.48 20.55
C ASP B 106 6.53 3.28 21.64
N ASP B 107 6.24 4.30 22.47
CA ASP B 107 5.29 4.12 23.60
C ASP B 107 3.96 4.78 23.25
N TYR B 108 3.77 5.27 22.03
CA TYR B 108 2.42 5.65 21.56
C TYR B 108 1.81 4.44 20.84
N TYR B 109 0.53 4.17 21.06
CA TYR B 109 -0.19 3.04 20.41
C TYR B 109 -1.47 3.58 19.77
N THR B 110 -1.79 3.20 18.55
CA THR B 110 -3.08 3.53 17.92
C THR B 110 -4.17 2.94 18.81
N TYR B 111 -3.95 1.72 19.31
CA TYR B 111 -4.88 0.98 20.17
C TYR B 111 -4.17 0.71 21.49
N PRO B 112 -4.46 1.50 22.54
CA PRO B 112 -3.70 1.43 23.78
C PRO B 112 -3.65 0.06 24.48
N LYS B 113 -4.57 -0.87 24.19
CA LYS B 113 -4.50 -2.26 24.73
C LYS B 113 -3.24 -2.99 24.26
N ASN B 114 -2.58 -2.55 23.18
CA ASN B 114 -1.35 -3.21 22.66
C ASN B 114 -0.17 -2.95 23.59
N ALA B 115 -0.33 -2.10 24.60
CA ALA B 115 0.71 -1.89 25.65
C ALA B 115 0.75 -3.10 26.60
N ASN B 116 -0.28 -3.97 26.57
CA ASN B 116 -0.26 -5.23 27.36
C ASN B 116 -0.26 -6.43 26.40
N ASP B 117 0.20 -7.59 26.90
CA ASP B 117 0.48 -8.76 26.05
C ASP B 117 -0.83 -9.37 25.56
N LYS B 118 -1.92 -9.28 26.33
CA LYS B 118 -3.24 -9.79 25.85
C LYS B 118 -3.68 -8.97 24.65
N GLY B 119 -3.64 -7.64 24.77
CA GLY B 119 -4.09 -6.75 23.68
C GLY B 119 -3.25 -6.96 22.44
N LEU B 120 -1.93 -7.03 22.60
CA LEU B 120 -1.01 -7.17 21.46
C LEU B 120 -1.35 -8.48 20.73
N PHE B 121 -1.53 -9.58 21.45
CA PHE B 121 -1.86 -10.89 20.82
C PHE B 121 -3.16 -10.75 20.02
N GLU B 122 -4.15 -10.08 20.58
CA GLU B 122 -5.49 -9.94 19.97
C GLU B 122 -5.35 -9.20 18.64
N THR B 123 -4.57 -8.12 18.62
CA THR B 123 -4.38 -7.30 17.41
C THR B 123 -3.67 -8.13 16.34
N ILE B 124 -2.63 -8.88 16.71
CA ILE B 124 -1.87 -9.72 15.74
C ILE B 124 -2.77 -10.83 15.23
N TYR B 125 -3.41 -11.56 16.13
CA TYR B 125 -4.18 -12.78 15.80
C TYR B 125 -5.39 -12.41 14.92
N GLY B 126 -6.23 -11.46 15.37
CA GLY B 126 -7.51 -11.13 14.69
C GLY B 126 -7.41 -9.91 13.79
N GLY B 127 -6.28 -9.25 13.74
CA GLY B 127 -6.08 -8.11 12.83
C GLY B 127 -6.61 -6.81 13.38
N ALA B 128 -6.41 -5.74 12.61
CA ALA B 128 -6.93 -4.38 12.90
C ALA B 128 -7.53 -3.85 11.60
N ARG B 129 -7.35 -2.57 11.27
CA ARG B 129 -8.01 -1.97 10.09
C ARG B 129 -7.06 -1.87 8.90
N SER B 130 -7.56 -1.30 7.79
CA SER B 130 -6.88 -1.18 6.47
C SER B 130 -6.06 -2.46 6.18
N MET B 131 -4.75 -2.37 6.08
CA MET B 131 -3.90 -3.49 5.58
C MET B 131 -3.42 -4.42 6.71
N MET B 132 -3.80 -4.16 7.98
CA MET B 132 -3.41 -5.03 9.13
C MET B 132 -4.41 -6.19 9.21
N GLY B 133 -4.22 -7.19 8.36
CA GLY B 133 -5.10 -8.36 8.31
C GLY B 133 -4.81 -9.26 9.49
N PRO B 134 -5.74 -10.18 9.82
CA PRO B 134 -5.48 -11.19 10.84
C PRO B 134 -4.26 -12.01 10.42
N GLN B 135 -3.47 -12.44 11.39
CA GLN B 135 -2.25 -13.25 11.15
C GLN B 135 -2.47 -14.70 11.59
N TYR B 136 -3.69 -15.11 11.96
CA TYR B 136 -3.94 -16.46 12.54
C TYR B 136 -3.75 -17.55 11.48
N ASN B 137 -3.90 -17.25 10.19
CA ASN B 137 -3.59 -18.22 9.10
C ASN B 137 -2.11 -18.17 8.73
N ASN B 138 -1.35 -17.17 9.18
CA ASN B 138 0.06 -16.97 8.73
C ASN B 138 1.05 -17.59 9.70
N LEU B 139 0.67 -17.71 10.96
CA LEU B 139 1.59 -17.98 12.09
C LEU B 139 0.88 -18.86 13.10
N THR B 140 1.56 -19.83 13.72
CA THR B 140 1.00 -20.54 14.91
C THR B 140 0.89 -19.52 16.06
N LYS B 141 0.10 -19.86 17.06
CA LYS B 141 0.00 -19.04 18.31
C LYS B 141 1.37 -18.95 18.99
N ASP B 142 2.17 -20.02 18.94
CA ASP B 142 3.53 -20.06 19.52
C ASP B 142 4.43 -19.08 18.76
N GLU B 143 4.33 -19.05 17.43
CA GLU B 143 5.17 -18.14 16.59
C GLU B 143 4.79 -16.71 16.99
N ILE B 144 3.50 -16.43 17.16
CA ILE B 144 3.01 -15.07 17.51
C ILE B 144 3.67 -14.64 18.84
N LEU B 145 3.70 -15.52 19.85
CA LEU B 145 4.31 -15.19 21.18
C LEU B 145 5.81 -14.92 21.02
N HIS B 146 6.49 -15.60 20.10
CA HIS B 146 7.92 -15.37 19.79
C HIS B 146 8.07 -13.96 19.25
N ILE B 147 7.24 -13.59 18.26
CA ILE B 147 7.30 -12.24 17.59
C ILE B 147 7.05 -11.19 18.65
N MET B 148 6.03 -11.39 19.45
CA MET B 148 5.63 -10.46 20.54
C MET B 148 6.80 -10.24 21.51
N ALA B 149 7.49 -11.29 21.95
CA ALA B 149 8.68 -11.20 22.82
C ALA B 149 9.76 -10.32 22.15
N TRP B 150 10.00 -10.51 20.86
CA TRP B 150 11.00 -9.72 20.09
C TRP B 150 10.55 -8.27 20.00
N VAL B 151 9.27 -8.01 19.74
CA VAL B 151 8.75 -6.63 19.67
C VAL B 151 8.97 -5.94 21.02
N ARG B 152 8.72 -6.62 22.14
CA ARG B 152 8.95 -6.01 23.48
C ARG B 152 10.45 -5.78 23.72
N SER B 153 11.32 -6.67 23.23
CA SER B 153 12.79 -6.60 23.43
C SER B 153 13.39 -5.33 22.78
N VAL B 154 12.80 -4.78 21.70
CA VAL B 154 13.38 -3.66 20.90
C VAL B 154 12.69 -2.36 21.32
N TYR B 155 11.79 -2.43 22.30
CA TYR B 155 11.03 -1.25 22.79
C TYR B 155 11.98 -0.15 23.24
N TRP B 156 11.78 1.08 22.74
CA TRP B 156 12.64 2.24 23.08
C TRP B 156 11.86 3.30 23.82
N GLY B 157 10.59 3.04 24.18
CA GLY B 157 9.75 3.99 24.92
C GLY B 157 10.10 4.00 26.38
N SER B 158 9.24 4.61 27.21
CA SER B 158 9.46 4.79 28.67
C SER B 158 8.92 3.59 29.48
N ALA B 159 9.59 3.29 30.59
CA ALA B 159 9.22 2.22 31.54
C ALA B 159 7.81 2.46 32.07
N ASP B 160 7.45 3.71 32.36
CA ASP B 160 6.14 4.14 32.91
C ASP B 160 4.99 3.58 32.06
N LYS B 161 5.23 3.35 30.76
CA LYS B 161 4.17 3.02 29.77
C LYS B 161 4.26 1.56 29.33
N ALA B 162 5.32 0.83 29.72
CA ALA B 162 5.54 -0.60 29.38
C ALA B 162 4.70 -1.52 30.29
N ASP B 163 3.38 -1.58 30.07
CA ASP B 163 2.43 -2.34 30.92
C ASP B 163 2.79 -3.83 31.07
N TRP B 164 3.41 -4.48 30.08
CA TRP B 164 3.74 -5.94 30.10
C TRP B 164 4.87 -6.22 31.10
N LEU B 165 5.62 -5.21 31.54
CA LEU B 165 6.77 -5.43 32.47
C LEU B 165 6.25 -5.47 33.93
N THR B 166 6.72 -6.44 34.70
CA THR B 166 6.66 -6.43 36.19
C THR B 166 7.35 -5.16 36.73
N GLU B 167 7.03 -4.79 37.97
CA GLU B 167 7.57 -3.57 38.62
C GLU B 167 9.05 -3.73 38.91
N GLU B 168 9.53 -4.97 39.11
CA GLU B 168 10.98 -5.28 39.17
C GLU B 168 11.63 -4.86 37.84
N GLN B 169 11.10 -5.35 36.71
CA GLN B 169 11.63 -5.08 35.34
C GLN B 169 11.60 -3.56 35.07
N LYS B 170 10.52 -2.87 35.47
CA LYS B 170 10.30 -1.41 35.23
C LYS B 170 11.24 -0.53 36.07
N ALA B 171 11.48 -0.89 37.34
CA ALA B 171 12.49 -0.25 38.21
C ALA B 171 13.90 -0.52 37.67
N ASN B 172 14.10 -1.65 36.97
CA ASN B 172 15.40 -2.07 36.38
C ASN B 172 15.44 -1.80 34.87
N PHE B 173 14.41 -1.12 34.33
CA PHE B 173 14.20 -1.01 32.86
C PHE B 173 15.27 -0.12 32.22
N LYS B 174 15.86 -0.61 31.13
CA LYS B 174 16.73 0.17 30.20
C LYS B 174 16.13 0.08 28.80
N PRO B 175 15.62 1.19 28.22
CA PRO B 175 14.99 1.10 26.90
C PRO B 175 16.04 0.74 25.83
N ALA B 176 15.67 -0.03 24.82
CA ALA B 176 16.52 -0.26 23.62
C ALA B 176 16.80 1.09 22.94
N GLU B 177 17.78 1.13 22.04
CA GLU B 177 18.10 2.33 21.23
C GLU B 177 17.03 2.53 20.15
N VAL B 178 16.84 3.79 19.75
CA VAL B 178 15.91 4.22 18.67
C VAL B 178 16.60 3.96 17.36
N PRO B 179 16.06 3.10 16.47
CA PRO B 179 16.66 2.92 15.16
C PRO B 179 16.56 4.22 14.34
N GLU B 180 17.58 4.46 13.53
CA GLU B 180 17.73 5.63 12.63
C GLU B 180 16.47 5.79 11.75
N ASP B 181 15.91 4.68 11.29
CA ASP B 181 14.82 4.67 10.27
C ASP B 181 13.54 5.24 10.90
N PHE B 182 13.39 5.23 12.24
CA PHE B 182 12.23 5.83 12.95
C PHE B 182 12.15 7.33 12.65
N LYS B 183 13.32 7.98 12.57
CA LYS B 183 13.60 9.41 12.27
C LYS B 183 13.21 10.26 13.48
N LEU C 34 24.13 -19.78 -14.96
CA LEU C 34 23.08 -18.74 -15.22
C LEU C 34 23.41 -17.46 -14.44
N VAL C 35 23.24 -16.31 -15.08
CA VAL C 35 23.32 -15.01 -14.39
C VAL C 35 21.91 -14.57 -13.98
N PHE C 36 21.72 -14.20 -12.71
CA PHE C 36 20.43 -13.78 -12.13
C PHE C 36 20.48 -12.29 -11.89
N ARG C 37 19.41 -11.58 -12.29
CA ARG C 37 19.33 -10.10 -12.33
C ARG C 37 18.14 -9.62 -11.52
N ASN C 38 18.33 -8.48 -10.90
CA ASN C 38 17.30 -7.74 -10.16
C ASN C 38 16.18 -7.36 -11.13
N THR C 39 14.94 -7.57 -10.72
CA THR C 39 13.74 -7.33 -11.54
C THR C 39 13.68 -5.84 -11.96
N VAL C 40 14.11 -4.92 -11.12
CA VAL C 40 13.95 -3.46 -11.38
C VAL C 40 15.25 -2.83 -11.89
N THR C 41 16.39 -3.11 -11.25
CA THR C 41 17.68 -2.45 -11.55
C THR C 41 18.38 -3.21 -12.69
N GLY C 42 18.26 -4.53 -12.75
CA GLY C 42 19.01 -5.37 -13.71
C GLY C 42 20.40 -5.73 -13.19
N ASP C 43 20.78 -5.20 -12.03
CA ASP C 43 22.01 -5.58 -11.29
C ASP C 43 22.02 -7.08 -11.00
N VAL C 44 23.21 -7.66 -10.95
CA VAL C 44 23.44 -9.08 -10.60
C VAL C 44 22.96 -9.36 -9.19
N LEU C 45 22.36 -10.53 -9.02
CA LEU C 45 21.98 -10.99 -7.68
C LEU C 45 23.13 -11.91 -7.21
N ASP C 46 23.59 -11.73 -5.98
CA ASP C 46 24.66 -12.61 -5.44
C ASP C 46 23.93 -13.79 -4.82
N LEU C 47 24.11 -14.99 -5.34
CA LEU C 47 23.27 -16.08 -4.84
C LEU C 47 23.88 -16.83 -3.65
N GLY C 53 28.59 -24.05 0.30
CA GLY C 53 27.16 -24.01 0.66
C GLY C 53 26.57 -25.41 0.79
N GLU C 54 25.48 -25.54 1.55
CA GLU C 54 24.73 -26.81 1.76
C GLU C 54 23.42 -26.76 0.95
N LYS C 55 23.54 -26.74 -0.38
CA LYS C 55 22.43 -26.53 -1.35
C LYS C 55 21.67 -27.85 -1.56
N THR C 56 20.33 -27.79 -1.61
CA THR C 56 19.42 -28.92 -1.95
C THR C 56 19.55 -29.27 -3.43
N GLU C 57 19.00 -30.40 -3.85
CA GLU C 57 19.02 -30.85 -5.26
C GLU C 57 18.28 -29.80 -6.09
N ALA C 58 17.10 -29.43 -5.62
CA ALA C 58 16.20 -28.46 -6.29
C ALA C 58 16.95 -27.13 -6.51
N VAL C 59 17.63 -26.63 -5.49
CA VAL C 59 18.38 -25.33 -5.59
C VAL C 59 19.52 -25.50 -6.59
N GLU C 60 20.28 -26.60 -6.54
CA GLU C 60 21.41 -26.81 -7.48
C GLU C 60 20.85 -26.92 -8.90
N HIS C 61 19.79 -27.68 -9.10
CA HIS C 61 19.15 -27.82 -10.43
C HIS C 61 18.67 -26.45 -10.91
N PHE C 62 18.04 -25.68 -10.01
CA PHE C 62 17.51 -24.33 -10.34
C PHE C 62 18.67 -23.41 -10.77
N LEU C 63 19.76 -23.37 -10.00
CA LEU C 63 20.88 -22.44 -10.33
C LEU C 63 21.51 -22.81 -11.68
N ASN C 64 21.44 -24.08 -12.11
CA ASN C 64 22.00 -24.55 -13.41
C ASN C 64 21.01 -24.40 -14.57
N THR C 65 19.70 -24.44 -14.34
CA THR C 65 18.69 -24.64 -15.40
C THR C 65 17.60 -23.55 -15.41
N GLY C 66 17.31 -22.89 -14.27
CA GLY C 66 16.14 -22.00 -14.12
C GLY C 66 14.85 -22.78 -14.06
N GLU C 67 14.90 -24.08 -13.81
CA GLU C 67 13.69 -24.94 -13.70
C GLU C 67 13.54 -25.35 -12.23
N ASN C 68 12.29 -25.30 -11.74
CA ASN C 68 11.87 -25.61 -10.35
C ASN C 68 11.28 -27.03 -10.28
N LEU C 69 12.05 -27.98 -9.76
CA LEU C 69 11.64 -29.41 -9.57
C LEU C 69 10.42 -29.50 -8.66
N TYR C 70 10.20 -28.54 -7.77
CA TYR C 70 9.09 -28.63 -6.79
C TYR C 70 7.72 -28.38 -7.45
N ASN C 71 7.66 -27.90 -8.69
CA ASN C 71 6.38 -27.56 -9.37
C ASN C 71 5.49 -28.82 -9.46
N THR C 72 6.08 -30.03 -9.42
CA THR C 72 5.32 -31.32 -9.51
C THR C 72 5.49 -32.20 -8.27
N ASP C 73 5.87 -31.63 -7.12
CA ASP C 73 6.09 -32.37 -5.86
C ASP C 73 5.00 -31.93 -4.87
N ASP C 74 4.00 -32.78 -4.61
CA ASP C 74 2.79 -32.36 -3.88
C ASP C 74 3.18 -32.02 -2.45
N GLU C 75 4.10 -32.78 -1.86
CA GLU C 75 4.62 -32.52 -0.49
C GLU C 75 5.28 -31.13 -0.43
N ALA C 76 6.02 -30.73 -1.48
CA ALA C 76 6.78 -29.47 -1.54
C ALA C 76 5.80 -28.30 -1.70
N ILE C 77 4.74 -28.49 -2.46
CA ILE C 77 3.65 -27.50 -2.69
C ILE C 77 2.91 -27.25 -1.37
N LYS C 78 2.79 -28.27 -0.52
CA LYS C 78 2.11 -28.13 0.81
C LYS C 78 2.95 -27.23 1.70
N ALA C 79 4.25 -27.49 1.80
CA ALA C 79 5.23 -26.70 2.56
C ALA C 79 5.27 -25.25 2.02
N GLY C 80 5.19 -25.07 0.70
CA GLY C 80 5.19 -23.75 0.06
C GLY C 80 3.94 -22.98 0.43
N GLU C 81 2.84 -23.69 0.69
CA GLU C 81 1.58 -23.02 1.07
C GLU C 81 1.81 -22.33 2.44
N SER C 82 2.40 -23.06 3.38
CA SER C 82 2.63 -22.57 4.76
C SER C 82 3.63 -21.40 4.72
N LEU C 83 4.67 -21.48 3.90
CA LEU C 83 5.68 -20.39 3.79
C LEU C 83 5.03 -19.17 3.12
N PHE C 84 4.25 -19.37 2.07
CA PHE C 84 3.54 -18.25 1.39
C PHE C 84 2.67 -17.50 2.41
N MET C 85 1.92 -18.22 3.25
CA MET C 85 1.00 -17.56 4.23
C MET C 85 1.87 -16.72 5.19
N THR C 86 3.06 -17.20 5.55
CA THR C 86 3.93 -16.47 6.50
C THR C 86 4.51 -15.23 5.82
N ALA C 87 5.06 -15.36 4.62
CA ALA C 87 5.97 -14.35 4.02
C ALA C 87 5.20 -13.43 3.07
N CYS C 88 4.07 -13.85 2.49
CA CYS C 88 3.51 -13.19 1.27
C CYS C 88 2.04 -12.78 1.42
N SER C 89 1.22 -13.53 2.17
CA SER C 89 -0.27 -13.41 2.10
C SER C 89 -0.71 -12.06 2.65
N GLY C 90 0.04 -11.48 3.57
CA GLY C 90 -0.23 -10.12 4.09
C GLY C 90 -0.41 -9.11 2.97
N CYS C 91 0.42 -9.18 1.93
CA CYS C 91 0.39 -8.19 0.85
C CYS C 91 -0.29 -8.74 -0.41
N HIS C 92 -0.33 -10.07 -0.59
CA HIS C 92 -0.78 -10.64 -1.87
C HIS C 92 -2.08 -11.43 -1.65
N GLY C 93 -2.57 -11.51 -0.40
CA GLY C 93 -3.84 -12.21 -0.07
C GLY C 93 -3.62 -13.69 0.22
N HIS C 94 -4.56 -14.33 0.91
CA HIS C 94 -4.46 -15.77 1.31
C HIS C 94 -4.68 -16.67 0.10
N HIS C 95 -5.27 -16.15 -0.98
CA HIS C 95 -5.54 -16.94 -2.21
C HIS C 95 -4.76 -16.33 -3.37
N ALA C 96 -3.72 -15.53 -3.06
CA ALA C 96 -2.89 -14.86 -4.07
C ALA C 96 -3.77 -14.03 -5.01
N GLU C 97 -4.87 -13.48 -4.50
CA GLU C 97 -5.86 -12.69 -5.30
C GLU C 97 -5.41 -11.22 -5.39
N GLY C 98 -4.40 -10.83 -4.62
CA GLY C 98 -3.93 -9.42 -4.58
C GLY C 98 -4.58 -8.69 -3.41
N LYS C 99 -3.88 -7.69 -2.86
CA LYS C 99 -4.33 -6.86 -1.71
C LYS C 99 -3.53 -5.54 -1.75
N LEU C 100 -2.35 -5.50 -1.12
CA LEU C 100 -1.34 -4.42 -1.30
C LEU C 100 -0.70 -4.62 -2.67
N GLY C 101 -0.10 -5.79 -2.88
CA GLY C 101 0.56 -6.14 -4.14
C GLY C 101 -0.40 -6.84 -5.08
N PRO C 102 0.01 -7.13 -6.32
CA PRO C 102 -0.89 -7.74 -7.29
C PRO C 102 -1.25 -9.20 -7.01
N ALA C 103 -2.33 -9.65 -7.63
CA ALA C 103 -2.69 -11.08 -7.73
C ALA C 103 -1.51 -11.85 -8.37
N LEU C 104 -1.18 -13.04 -7.88
CA LEU C 104 -0.06 -13.88 -8.40
C LEU C 104 -0.58 -15.14 -9.13
N GLY C 105 -1.90 -15.37 -9.12
CA GLY C 105 -2.51 -16.56 -9.72
C GLY C 105 -3.04 -16.31 -11.13
N ASP C 106 -2.99 -15.07 -11.62
CA ASP C 106 -3.59 -14.67 -12.92
C ASP C 106 -2.51 -14.60 -13.98
N ASP C 107 -2.82 -14.21 -15.21
CA ASP C 107 -1.86 -14.23 -16.35
C ASP C 107 -1.54 -12.79 -16.77
N TYR C 108 -1.82 -11.84 -15.88
CA TYR C 108 -1.38 -10.43 -16.02
C TYR C 108 -0.15 -10.23 -15.17
N TYR C 109 0.91 -9.67 -15.73
CA TYR C 109 2.19 -9.47 -15.02
C TYR C 109 2.58 -7.99 -15.09
N THR C 110 3.09 -7.48 -13.99
CA THR C 110 3.75 -6.15 -13.93
C THR C 110 5.09 -6.28 -14.64
N TYR C 111 5.78 -7.39 -14.39
CA TYR C 111 7.08 -7.77 -15.01
C TYR C 111 6.91 -9.09 -15.75
N PRO C 112 7.02 -9.06 -17.10
CA PRO C 112 6.70 -10.22 -17.92
C PRO C 112 7.54 -11.48 -17.62
N LYS C 113 8.77 -11.30 -17.18
CA LYS C 113 9.69 -12.43 -16.84
C LYS C 113 9.12 -13.25 -15.68
N ASN C 114 8.18 -12.70 -14.89
CA ASN C 114 7.60 -13.47 -13.77
C ASN C 114 6.70 -14.59 -14.30
N ALA C 115 6.52 -14.74 -15.63
CA ALA C 115 5.76 -15.87 -16.23
C ALA C 115 6.65 -17.11 -16.30
N ASN C 116 7.96 -16.95 -16.07
CA ASN C 116 8.94 -18.06 -15.98
C ASN C 116 9.55 -18.11 -14.56
N ASP C 117 10.03 -19.28 -14.17
CA ASP C 117 10.55 -19.54 -12.80
C ASP C 117 11.87 -18.78 -12.57
N LYS C 118 12.74 -18.66 -13.57
CA LYS C 118 13.95 -17.82 -13.38
C LYS C 118 13.53 -16.40 -12.95
N GLY C 119 12.60 -15.78 -13.69
CA GLY C 119 12.13 -14.41 -13.42
C GLY C 119 11.48 -14.31 -12.05
N LEU C 120 10.56 -15.23 -11.75
CA LEU C 120 9.81 -15.24 -10.49
C LEU C 120 10.80 -15.33 -9.32
N PHE C 121 11.80 -16.21 -9.43
CA PHE C 121 12.81 -16.36 -8.37
C PHE C 121 13.53 -15.03 -8.19
N GLU C 122 13.96 -14.38 -9.27
CA GLU C 122 14.67 -13.08 -9.18
C GLU C 122 13.84 -12.06 -8.43
N THR C 123 12.53 -11.99 -8.72
CA THR C 123 11.60 -10.98 -8.14
C THR C 123 11.54 -11.21 -6.63
N ILE C 124 11.36 -12.46 -6.19
CA ILE C 124 11.25 -12.81 -4.74
C ILE C 124 12.60 -12.57 -4.04
N TYR C 125 13.68 -13.13 -4.59
CA TYR C 125 15.02 -13.05 -3.98
C TYR C 125 15.46 -11.60 -3.84
N GLY C 126 15.34 -10.83 -4.92
CA GLY C 126 15.97 -9.51 -5.08
C GLY C 126 15.02 -8.37 -4.83
N GLY C 127 13.72 -8.66 -4.77
CA GLY C 127 12.67 -7.66 -4.53
C GLY C 127 12.33 -6.90 -5.80
N ALA C 128 11.43 -5.94 -5.69
CA ALA C 128 11.02 -5.09 -6.83
C ALA C 128 10.96 -3.65 -6.32
N ARG C 129 9.90 -2.89 -6.60
CA ARG C 129 9.75 -1.48 -6.18
C ARG C 129 9.04 -1.42 -4.82
N SER C 130 9.07 -0.26 -4.17
CA SER C 130 8.24 0.09 -2.99
C SER C 130 8.28 -1.03 -1.93
N MET C 131 7.12 -1.62 -1.63
CA MET C 131 6.88 -2.53 -0.47
C MET C 131 7.44 -3.94 -0.74
N MET C 132 7.74 -4.25 -1.99
CA MET C 132 8.14 -5.60 -2.42
C MET C 132 9.65 -5.73 -2.16
N GLY C 133 10.01 -5.89 -0.91
CA GLY C 133 11.43 -5.95 -0.51
C GLY C 133 12.07 -7.27 -0.88
N PRO C 134 13.41 -7.31 -0.92
CA PRO C 134 14.15 -8.54 -1.20
C PRO C 134 13.93 -9.57 -0.08
N GLN C 135 13.91 -10.85 -0.43
CA GLN C 135 13.67 -11.96 0.54
C GLN C 135 14.98 -12.71 0.82
N TYR C 136 16.10 -12.27 0.24
CA TYR C 136 17.37 -13.04 0.28
C TYR C 136 17.87 -13.18 1.73
N ASN C 137 17.52 -12.29 2.67
CA ASN C 137 17.94 -12.41 4.09
C ASN C 137 16.88 -13.14 4.92
N ASN C 138 15.61 -13.16 4.53
CA ASN C 138 14.51 -13.79 5.31
C ASN C 138 14.43 -15.28 4.98
N LEU C 139 14.62 -15.68 3.72
CA LEU C 139 14.30 -17.05 3.25
C LEU C 139 15.50 -17.66 2.58
N THR C 140 15.64 -18.96 2.74
CA THR C 140 16.61 -19.74 1.95
C THR C 140 16.11 -19.81 0.51
N LYS C 141 17.03 -20.08 -0.40
CA LYS C 141 16.73 -20.30 -1.84
C LYS C 141 15.75 -21.46 -1.92
N ASP C 142 15.93 -22.49 -1.08
CA ASP C 142 15.07 -23.69 -1.09
C ASP C 142 13.64 -23.33 -0.67
N GLU C 143 13.49 -22.45 0.32
CA GLU C 143 12.17 -22.00 0.81
C GLU C 143 11.47 -21.21 -0.30
N ILE C 144 12.20 -20.33 -0.96
CA ILE C 144 11.69 -19.55 -2.12
C ILE C 144 11.16 -20.50 -3.20
N LEU C 145 11.89 -21.58 -3.52
CA LEU C 145 11.44 -22.55 -4.56
C LEU C 145 10.15 -23.25 -4.11
N HIS C 146 10.00 -23.55 -2.82
CA HIS C 146 8.74 -24.09 -2.23
C HIS C 146 7.59 -23.10 -2.50
N ILE C 147 7.78 -21.83 -2.11
CA ILE C 147 6.75 -20.77 -2.31
C ILE C 147 6.40 -20.73 -3.80
N MET C 148 7.38 -20.70 -4.69
CA MET C 148 7.14 -20.56 -6.15
C MET C 148 6.32 -21.76 -6.62
N ALA C 149 6.57 -22.95 -6.08
CA ALA C 149 5.85 -24.17 -6.49
C ALA C 149 4.37 -24.01 -6.09
N TRP C 150 4.10 -23.53 -4.88
CA TRP C 150 2.71 -23.31 -4.43
C TRP C 150 2.05 -22.25 -5.31
N VAL C 151 2.74 -21.14 -5.59
CA VAL C 151 2.19 -20.02 -6.39
C VAL C 151 1.78 -20.58 -7.76
N ARG C 152 2.58 -21.44 -8.35
CA ARG C 152 2.24 -21.98 -9.70
C ARG C 152 1.04 -22.93 -9.58
N SER C 153 0.93 -23.68 -8.47
CA SER C 153 -0.14 -24.68 -8.19
C SER C 153 -1.52 -24.03 -8.14
N VAL C 154 -1.63 -22.75 -7.77
CA VAL C 154 -2.96 -22.06 -7.56
C VAL C 154 -3.27 -21.20 -8.78
N TYR C 155 -2.44 -21.29 -9.83
CA TYR C 155 -2.64 -20.52 -11.08
C TYR C 155 -4.01 -20.83 -11.70
N TRP C 156 -4.74 -19.78 -12.08
CA TRP C 156 -6.11 -19.85 -12.62
C TRP C 156 -6.18 -19.15 -13.98
N GLY C 157 -5.04 -18.76 -14.56
CA GLY C 157 -4.98 -18.10 -15.89
C GLY C 157 -4.84 -19.13 -16.99
N SER C 158 -4.42 -18.69 -18.18
CA SER C 158 -4.37 -19.49 -19.43
C SER C 158 -3.07 -20.30 -19.49
N ALA C 159 -3.16 -21.50 -20.05
CA ALA C 159 -2.02 -22.39 -20.39
C ALA C 159 -1.04 -21.65 -21.31
N ASP C 160 -1.55 -20.91 -22.31
CA ASP C 160 -0.75 -20.16 -23.32
C ASP C 160 0.31 -19.28 -22.64
N LYS C 161 -0.07 -18.60 -21.54
CA LYS C 161 0.78 -17.61 -20.83
C LYS C 161 1.59 -18.28 -19.71
N ALA C 162 1.38 -19.58 -19.44
CA ALA C 162 2.07 -20.38 -18.40
C ALA C 162 3.46 -20.82 -18.91
N ASP C 163 4.42 -19.88 -18.99
CA ASP C 163 5.73 -20.14 -19.65
C ASP C 163 6.57 -21.13 -18.83
N TRP C 164 6.26 -21.38 -17.56
CA TRP C 164 6.97 -22.39 -16.72
C TRP C 164 6.49 -23.81 -17.04
N LEU C 165 5.35 -23.98 -17.71
CA LEU C 165 4.84 -25.33 -18.10
C LEU C 165 5.48 -25.71 -19.44
N THR C 166 5.94 -26.95 -19.60
CA THR C 166 6.38 -27.50 -20.90
C THR C 166 5.13 -27.51 -21.80
N GLU C 167 5.27 -27.80 -23.09
CA GLU C 167 4.09 -27.76 -24.01
C GLU C 167 3.13 -28.91 -23.68
N GLU C 168 3.67 -30.04 -23.18
CA GLU C 168 2.86 -31.23 -22.81
C GLU C 168 2.13 -30.97 -21.49
N GLN C 169 2.67 -30.14 -20.58
CA GLN C 169 2.00 -29.78 -19.31
C GLN C 169 0.82 -28.86 -19.64
N LYS C 170 1.02 -27.92 -20.56
CA LYS C 170 -0.05 -27.00 -21.08
C LYS C 170 -1.21 -27.83 -21.63
N ALA C 171 -0.91 -28.84 -22.46
CA ALA C 171 -1.90 -29.71 -23.14
C ALA C 171 -2.74 -30.46 -22.08
N ASN C 172 -2.15 -30.73 -20.92
CA ASN C 172 -2.86 -31.40 -19.80
C ASN C 172 -3.07 -30.39 -18.68
N PHE C 173 -3.24 -29.11 -19.01
CA PHE C 173 -3.39 -28.05 -17.99
C PHE C 173 -4.73 -28.11 -17.27
N LYS C 174 -4.69 -28.11 -15.93
CA LYS C 174 -5.90 -28.10 -15.07
C LYS C 174 -5.85 -26.82 -14.22
N PRO C 175 -6.54 -25.74 -14.63
CA PRO C 175 -6.47 -24.49 -13.91
C PRO C 175 -7.08 -24.60 -12.51
N ALA C 176 -6.54 -23.84 -11.57
CA ALA C 176 -7.08 -23.80 -10.21
C ALA C 176 -8.32 -22.92 -10.16
N GLU C 177 -9.04 -22.99 -9.04
CA GLU C 177 -10.27 -22.19 -8.88
C GLU C 177 -9.90 -20.70 -8.87
N VAL C 178 -10.72 -19.87 -9.51
CA VAL C 178 -10.53 -18.40 -9.50
C VAL C 178 -11.02 -17.92 -8.14
N PRO C 179 -10.23 -17.16 -7.36
CA PRO C 179 -10.68 -16.68 -6.03
C PRO C 179 -11.92 -15.78 -6.14
N GLU C 180 -12.81 -15.85 -5.16
CA GLU C 180 -14.10 -15.09 -5.19
C GLU C 180 -13.82 -13.58 -5.13
N ASP C 181 -12.75 -13.17 -4.43
CA ASP C 181 -12.40 -11.74 -4.20
C ASP C 181 -11.49 -11.18 -5.31
N PHE C 182 -11.46 -11.78 -6.51
CA PHE C 182 -10.55 -11.38 -7.62
C PHE C 182 -11.30 -10.63 -8.74
N LYS C 183 -12.34 -11.23 -9.31
CA LYS C 183 -13.03 -10.51 -10.42
C LYS C 183 -14.04 -9.49 -9.86
N GLN D 33 -20.51 8.15 -30.77
CA GLN D 33 -19.46 7.78 -29.76
C GLN D 33 -19.04 6.31 -29.97
N LEU D 34 -17.80 5.96 -29.59
CA LEU D 34 -17.29 4.56 -29.61
C LEU D 34 -17.81 3.86 -28.36
N VAL D 35 -17.68 2.54 -28.29
CA VAL D 35 -17.96 1.75 -27.04
C VAL D 35 -16.65 1.64 -26.26
N PHE D 36 -16.67 2.13 -25.03
CA PHE D 36 -15.52 2.12 -24.08
C PHE D 36 -15.81 1.03 -23.08
N ARG D 37 -14.84 0.14 -22.92
CA ARG D 37 -14.93 -1.06 -22.05
C ARG D 37 -13.95 -0.95 -20.87
N ASN D 38 -14.41 -1.40 -19.72
CA ASN D 38 -13.67 -1.60 -18.46
C ASN D 38 -12.55 -2.61 -18.69
N THR D 39 -11.33 -2.24 -18.33
CA THR D 39 -10.08 -3.02 -18.57
C THR D 39 -10.17 -4.40 -17.88
N VAL D 40 -10.81 -4.49 -16.72
CA VAL D 40 -10.89 -5.75 -15.91
C VAL D 40 -12.07 -6.61 -16.40
N THR D 41 -13.28 -6.05 -16.52
CA THR D 41 -14.55 -6.83 -16.65
C THR D 41 -15.00 -6.93 -18.10
N GLY D 42 -14.52 -6.05 -18.99
CA GLY D 42 -14.97 -5.91 -20.38
C GLY D 42 -16.32 -5.19 -20.52
N ASP D 43 -16.98 -4.83 -19.42
CA ASP D 43 -18.30 -4.16 -19.39
C ASP D 43 -18.16 -2.72 -19.91
N VAL D 44 -19.27 -2.18 -20.40
CA VAL D 44 -19.29 -0.83 -21.05
C VAL D 44 -19.19 0.21 -19.94
N LEU D 45 -18.44 1.28 -20.18
CA LEU D 45 -18.23 2.39 -19.21
C LEU D 45 -19.34 3.44 -19.46
N ASP D 46 -19.88 4.00 -18.38
CA ASP D 46 -20.79 5.16 -18.44
C ASP D 46 -19.93 6.42 -18.40
N LEU D 47 -19.74 7.06 -19.57
CA LEU D 47 -18.90 8.27 -19.73
C LEU D 47 -19.67 9.53 -19.30
N SER D 48 -20.98 9.45 -19.11
CA SER D 48 -21.84 10.63 -18.81
C SER D 48 -21.83 10.88 -17.31
N PHE D 49 -21.03 10.14 -16.54
CA PHE D 49 -21.03 10.28 -15.07
C PHE D 49 -20.66 11.71 -14.69
N GLY D 50 -21.37 12.28 -13.71
CA GLY D 50 -20.98 13.53 -13.04
C GLY D 50 -21.62 14.75 -13.71
N LYS D 51 -21.33 15.92 -13.15
CA LYS D 51 -21.96 17.22 -13.51
C LYS D 51 -20.93 18.34 -13.38
N LYS D 52 -19.63 18.06 -13.57
CA LYS D 52 -18.56 19.08 -13.40
C LYS D 52 -18.69 20.13 -14.52
N GLY D 53 -18.99 19.71 -15.74
CA GLY D 53 -19.25 20.65 -16.85
C GLY D 53 -19.71 19.96 -18.12
N GLU D 54 -19.67 20.69 -19.23
CA GLU D 54 -20.02 20.18 -20.57
C GLU D 54 -18.72 19.75 -21.23
N LYS D 55 -18.80 18.81 -22.15
CA LYS D 55 -17.61 18.24 -22.83
C LYS D 55 -16.83 19.36 -23.52
N THR D 56 -15.52 19.40 -23.35
CA THR D 56 -14.59 20.21 -24.19
C THR D 56 -14.49 19.61 -25.59
N GLU D 57 -13.92 20.36 -26.53
CA GLU D 57 -13.75 19.91 -27.93
C GLU D 57 -12.90 18.62 -27.90
N ALA D 58 -11.81 18.66 -27.14
CA ALA D 58 -10.91 17.49 -26.97
C ALA D 58 -11.74 16.29 -26.52
N VAL D 59 -12.60 16.46 -25.50
CA VAL D 59 -13.37 15.30 -24.98
C VAL D 59 -14.32 14.79 -26.07
N GLU D 60 -15.09 15.66 -26.70
CA GLU D 60 -16.08 15.20 -27.72
C GLU D 60 -15.33 14.54 -28.88
N HIS D 61 -14.18 15.06 -29.32
CA HIS D 61 -13.36 14.42 -30.39
C HIS D 61 -12.89 13.03 -29.94
N PHE D 62 -12.46 12.92 -28.69
CA PHE D 62 -11.90 11.66 -28.14
C PHE D 62 -13.03 10.64 -28.06
N LEU D 63 -14.21 11.03 -27.59
CA LEU D 63 -15.33 10.08 -27.46
C LEU D 63 -15.76 9.58 -28.86
N ASN D 64 -15.53 10.36 -29.92
CA ASN D 64 -15.95 9.97 -31.29
C ASN D 64 -14.87 9.14 -32.00
N THR D 65 -13.58 9.42 -31.74
CA THR D 65 -12.42 8.95 -32.56
C THR D 65 -11.38 8.14 -31.77
N GLY D 66 -11.33 8.24 -30.44
CA GLY D 66 -10.26 7.62 -29.63
C GLY D 66 -8.91 8.33 -29.77
N GLU D 67 -8.85 9.46 -30.48
CA GLU D 67 -7.60 10.26 -30.65
C GLU D 67 -7.60 11.40 -29.61
N ASN D 68 -6.45 11.63 -28.94
CA ASN D 68 -6.29 12.64 -27.88
C ASN D 68 -5.58 13.87 -28.46
N LEU D 69 -6.34 14.93 -28.70
CA LEU D 69 -5.83 16.20 -29.30
C LEU D 69 -4.67 16.76 -28.46
N TYR D 70 -4.64 16.55 -27.13
CA TYR D 70 -3.65 17.19 -26.23
C TYR D 70 -2.25 16.57 -26.42
N ASN D 71 -2.09 15.48 -27.17
CA ASN D 71 -0.79 14.75 -27.27
C ASN D 71 0.30 15.66 -27.85
N THR D 72 -0.06 16.69 -28.60
CA THR D 72 0.93 17.56 -29.28
C THR D 72 0.83 19.00 -28.77
N ASP D 73 0.03 19.28 -27.74
CA ASP D 73 -0.20 20.65 -27.18
C ASP D 73 0.63 20.82 -25.89
N ASP D 74 1.73 21.57 -25.97
CA ASP D 74 2.73 21.77 -24.86
C ASP D 74 2.05 22.35 -23.62
N GLU D 75 1.06 23.23 -23.79
CA GLU D 75 0.33 23.83 -22.66
C GLU D 75 -0.52 22.77 -21.96
N ALA D 76 -1.20 21.90 -22.73
CA ALA D 76 -2.07 20.83 -22.19
C ALA D 76 -1.21 19.84 -21.39
N ILE D 77 -0.03 19.52 -21.91
CA ILE D 77 0.93 18.55 -21.32
C ILE D 77 1.42 19.05 -19.95
N LYS D 78 1.63 20.36 -19.79
CA LYS D 78 2.09 20.96 -18.51
C LYS D 78 0.98 20.93 -17.46
N ALA D 79 -0.26 21.30 -17.82
CA ALA D 79 -1.43 21.15 -16.93
C ALA D 79 -1.58 19.66 -16.52
N GLY D 80 -1.33 18.71 -17.43
CA GLY D 80 -1.39 17.26 -17.16
C GLY D 80 -0.29 16.81 -16.20
N GLU D 81 0.91 17.40 -16.30
CA GLU D 81 2.01 17.10 -15.37
C GLU D 81 1.55 17.39 -13.94
N SER D 82 0.94 18.55 -13.72
CA SER D 82 0.47 18.99 -12.38
C SER D 82 -0.67 18.08 -11.93
N LEU D 83 -1.62 17.79 -12.81
CA LEU D 83 -2.74 16.85 -12.50
C LEU D 83 -2.15 15.48 -12.15
N PHE D 84 -1.17 14.99 -12.91
CA PHE D 84 -0.54 13.67 -12.63
C PHE D 84 0.11 13.65 -11.24
N MET D 85 0.91 14.67 -10.91
CA MET D 85 1.57 14.73 -9.59
C MET D 85 0.50 14.65 -8.50
N THR D 86 -0.61 15.35 -8.62
CA THR D 86 -1.68 15.38 -7.57
C THR D 86 -2.40 14.03 -7.51
N ALA D 87 -2.78 13.44 -8.65
CA ALA D 87 -3.71 12.28 -8.63
C ALA D 87 -2.96 10.94 -8.67
N CYS D 88 -1.74 10.87 -9.21
CA CYS D 88 -1.14 9.61 -9.71
C CYS D 88 0.25 9.34 -9.09
N SER D 89 1.03 10.35 -8.78
CA SER D 89 2.48 10.19 -8.48
C SER D 89 2.67 9.44 -7.16
N GLY D 90 1.72 9.52 -6.24
CA GLY D 90 1.77 8.74 -4.98
C GLY D 90 1.97 7.27 -5.25
N CYS D 91 1.35 6.73 -6.30
CA CYS D 91 1.41 5.26 -6.58
C CYS D 91 2.28 4.96 -7.79
N HIS D 92 2.50 5.90 -8.70
CA HIS D 92 3.23 5.62 -9.97
C HIS D 92 4.58 6.38 -10.04
N GLY D 93 4.93 7.16 -9.02
CA GLY D 93 6.20 7.90 -8.92
C GLY D 93 6.12 9.26 -9.61
N HIS D 94 6.99 10.19 -9.23
CA HIS D 94 7.03 11.57 -9.76
C HIS D 94 7.55 11.59 -11.22
N HIS D 95 8.19 10.53 -11.71
CA HIS D 95 8.65 10.44 -13.13
C HIS D 95 7.91 9.32 -13.89
N ALA D 96 6.78 8.84 -13.36
CA ALA D 96 6.03 7.68 -13.91
C ALA D 96 6.94 6.48 -14.01
N GLU D 97 7.94 6.36 -13.13
CA GLU D 97 8.92 5.24 -13.08
C GLU D 97 8.35 4.04 -12.31
N GLY D 98 7.19 4.19 -11.67
CA GLY D 98 6.57 3.12 -10.89
C GLY D 98 6.89 3.28 -9.42
N LYS D 99 6.00 2.82 -8.56
CA LYS D 99 6.24 2.79 -7.10
C LYS D 99 5.41 1.62 -6.56
N LEU D 100 4.16 1.85 -6.18
CA LEU D 100 3.23 0.76 -5.82
C LEU D 100 2.63 0.19 -7.11
N GLY D 101 2.30 1.06 -8.08
CA GLY D 101 1.84 0.64 -9.42
C GLY D 101 2.97 0.70 -10.44
N PRO D 102 2.75 0.10 -11.62
CA PRO D 102 3.80 -0.03 -12.62
C PRO D 102 4.32 1.31 -13.18
N ALA D 103 5.52 1.28 -13.74
CA ALA D 103 6.09 2.35 -14.57
C ALA D 103 5.10 2.56 -15.73
N LEU D 104 4.87 3.81 -16.12
CA LEU D 104 3.91 4.16 -17.20
C LEU D 104 4.66 4.68 -18.42
N GLY D 105 5.95 4.97 -18.28
CA GLY D 105 6.78 5.57 -19.34
C GLY D 105 7.49 4.55 -20.20
N ASP D 106 7.41 3.26 -19.86
CA ASP D 106 8.13 2.17 -20.56
C ASP D 106 7.22 1.54 -21.65
N ASP D 107 7.74 0.61 -22.44
CA ASP D 107 6.98 0.03 -23.56
C ASP D 107 6.48 -1.36 -23.21
N TYR D 108 6.61 -1.82 -21.96
CA TYR D 108 5.84 -3.00 -21.51
C TYR D 108 4.53 -2.54 -20.84
N TYR D 109 3.45 -3.24 -21.12
CA TYR D 109 2.15 -2.94 -20.49
C TYR D 109 1.60 -4.19 -19.85
N THR D 110 1.10 -4.08 -18.63
CA THR D 110 0.31 -5.18 -18.03
C THR D 110 -0.88 -5.42 -18.96
N TYR D 111 -1.52 -4.35 -19.43
CA TYR D 111 -2.68 -4.45 -20.34
C TYR D 111 -2.23 -3.82 -21.64
N PRO D 112 -1.97 -4.64 -22.69
CA PRO D 112 -1.40 -4.13 -23.94
C PRO D 112 -2.23 -3.05 -24.64
N LYS D 113 -3.55 -3.05 -24.44
CA LYS D 113 -4.44 -1.99 -24.98
C LYS D 113 -4.03 -0.60 -24.45
N ASN D 114 -3.30 -0.50 -23.32
CA ASN D 114 -2.84 0.81 -22.77
C ASN D 114 -1.76 1.45 -23.67
N ALA D 115 -1.24 0.76 -24.70
CA ALA D 115 -0.34 1.37 -25.73
C ALA D 115 -1.13 2.26 -26.69
N ASN D 116 -2.48 2.21 -26.68
CA ASN D 116 -3.31 3.17 -27.45
C ASN D 116 -4.13 4.03 -26.48
N ASP D 117 -4.56 5.20 -26.96
CA ASP D 117 -5.20 6.24 -26.11
C ASP D 117 -6.61 5.77 -25.71
N LYS D 118 -7.31 5.00 -26.55
CA LYS D 118 -8.64 4.46 -26.15
C LYS D 118 -8.47 3.55 -24.93
N GLY D 119 -7.59 2.55 -25.00
CA GLY D 119 -7.26 1.64 -23.89
C GLY D 119 -6.83 2.39 -22.64
N LEU D 120 -5.87 3.29 -22.78
CA LEU D 120 -5.31 4.07 -21.64
C LEU D 120 -6.45 4.79 -20.91
N PHE D 121 -7.29 5.49 -21.66
CA PHE D 121 -8.46 6.20 -21.11
C PHE D 121 -9.32 5.22 -20.33
N GLU D 122 -9.69 4.09 -20.92
CA GLU D 122 -10.55 3.08 -20.25
C GLU D 122 -9.93 2.62 -18.92
N THR D 123 -8.62 2.39 -18.89
CA THR D 123 -7.93 1.92 -17.67
C THR D 123 -8.05 2.99 -16.58
N ILE D 124 -7.82 4.25 -16.94
CA ILE D 124 -7.81 5.35 -15.94
C ILE D 124 -9.24 5.60 -15.45
N TYR D 125 -10.16 5.78 -16.37
CA TYR D 125 -11.57 6.09 -16.05
C TYR D 125 -12.20 4.95 -15.25
N GLY D 126 -12.05 3.72 -15.71
CA GLY D 126 -12.77 2.54 -15.15
C GLY D 126 -11.96 1.81 -14.07
N GLY D 127 -10.67 2.07 -13.97
CA GLY D 127 -9.84 1.34 -12.99
C GLY D 127 -9.29 0.03 -13.56
N ALA D 128 -8.42 -0.59 -12.77
CA ALA D 128 -7.86 -1.92 -13.06
C ALA D 128 -8.00 -2.74 -11.77
N ARG D 129 -7.11 -3.46 -11.38
CA ARG D 129 -7.25 -4.43 -10.26
C ARG D 129 -6.58 -3.87 -9.02
N SER D 130 -6.52 -4.50 -7.93
CA SER D 130 -5.99 -4.15 -6.59
C SER D 130 -6.20 -2.65 -6.34
N MET D 131 -5.13 -1.89 -6.22
CA MET D 131 -5.16 -0.50 -5.69
C MET D 131 -5.41 0.51 -6.83
N MET D 132 -5.61 0.05 -8.07
CA MET D 132 -5.85 0.99 -9.21
C MET D 132 -7.38 1.16 -9.32
N GLY D 133 -7.95 2.09 -8.55
CA GLY D 133 -9.39 2.36 -8.58
C GLY D 133 -9.76 3.21 -9.78
N PRO D 134 -11.06 3.23 -10.13
CA PRO D 134 -11.55 4.11 -11.18
C PRO D 134 -11.34 5.56 -10.80
N GLN D 135 -11.11 6.40 -11.78
CA GLN D 135 -10.87 7.85 -11.61
C GLN D 135 -12.10 8.68 -12.01
N TYR D 136 -13.21 8.09 -12.48
CA TYR D 136 -14.39 8.84 -13.03
C TYR D 136 -14.97 9.74 -11.95
N ASN D 137 -14.80 9.42 -10.68
CA ASN D 137 -15.27 10.28 -9.56
C ASN D 137 -14.18 11.27 -9.09
N ASN D 138 -12.92 11.12 -9.53
CA ASN D 138 -11.79 11.93 -9.01
C ASN D 138 -11.48 13.08 -9.97
N LEU D 139 -11.71 12.90 -11.27
CA LEU D 139 -11.13 13.72 -12.35
C LEU D 139 -12.18 13.84 -13.44
N THR D 140 -12.26 14.97 -14.13
CA THR D 140 -13.14 15.10 -15.32
C THR D 140 -12.50 14.33 -16.49
N LYS D 141 -13.28 13.99 -17.51
CA LYS D 141 -12.71 13.35 -18.71
C LYS D 141 -11.64 14.26 -19.33
N ASP D 142 -11.79 15.58 -19.27
CA ASP D 142 -10.79 16.52 -19.86
C ASP D 142 -9.49 16.46 -19.07
N GLU D 143 -9.55 16.39 -17.74
CA GLU D 143 -8.33 16.27 -16.89
C GLU D 143 -7.63 14.96 -17.20
N ILE D 144 -8.40 13.88 -17.38
CA ILE D 144 -7.79 12.57 -17.71
C ILE D 144 -7.03 12.68 -19.04
N LEU D 145 -7.62 13.31 -20.07
CA LEU D 145 -6.91 13.49 -21.38
C LEU D 145 -5.66 14.37 -21.20
N HIS D 146 -5.70 15.35 -20.28
CA HIS D 146 -4.51 16.18 -19.95
C HIS D 146 -3.41 15.29 -19.37
N ILE D 147 -3.78 14.40 -18.42
CA ILE D 147 -2.82 13.46 -17.76
C ILE D 147 -2.24 12.51 -18.81
N MET D 148 -3.09 11.95 -19.65
CA MET D 148 -2.65 10.95 -20.65
C MET D 148 -1.63 11.61 -21.59
N ALA D 149 -1.87 12.85 -21.99
CA ALA D 149 -0.95 13.62 -22.86
C ALA D 149 0.42 13.74 -22.20
N TRP D 150 0.47 14.00 -20.88
CA TRP D 150 1.75 14.12 -20.14
C TRP D 150 2.42 12.76 -20.04
N VAL D 151 1.65 11.71 -19.77
CA VAL D 151 2.20 10.33 -19.70
C VAL D 151 2.85 9.96 -21.04
N ARG D 152 2.21 10.27 -22.16
CA ARG D 152 2.81 9.97 -23.50
C ARG D 152 4.08 10.82 -23.70
N SER D 153 4.09 12.08 -23.30
CA SER D 153 5.23 13.01 -23.46
C SER D 153 6.52 12.48 -22.79
N VAL D 154 6.44 11.69 -21.70
CA VAL D 154 7.64 11.25 -20.93
C VAL D 154 8.07 9.84 -21.35
N TYR D 155 7.41 9.28 -22.34
CA TYR D 155 7.69 7.89 -22.80
C TYR D 155 9.17 7.76 -23.17
N TRP D 156 9.79 6.68 -22.73
CA TRP D 156 11.22 6.41 -23.01
C TRP D 156 11.35 5.06 -23.71
N GLY D 157 10.23 4.52 -24.20
CA GLY D 157 10.21 3.22 -24.89
C GLY D 157 10.51 3.36 -26.38
N SER D 158 10.34 2.28 -27.15
CA SER D 158 10.63 2.35 -28.60
C SER D 158 9.47 2.94 -29.40
N ALA D 159 9.79 3.61 -30.51
CA ALA D 159 8.78 4.20 -31.40
C ALA D 159 7.89 3.10 -31.96
N ASP D 160 8.44 1.94 -32.29
CA ASP D 160 7.67 0.82 -32.86
C ASP D 160 6.57 0.29 -31.92
N LYS D 161 6.70 0.44 -30.61
CA LYS D 161 5.65 -0.04 -29.70
C LYS D 161 4.69 1.10 -29.32
N ALA D 162 4.96 2.33 -29.76
CA ALA D 162 4.13 3.52 -29.44
C ALA D 162 2.91 3.63 -30.34
N ASP D 163 1.90 2.81 -30.12
CA ASP D 163 0.66 2.70 -30.92
C ASP D 163 -0.16 4.00 -31.00
N TRP D 164 -0.05 4.93 -30.05
CA TRP D 164 -0.83 6.20 -30.11
C TRP D 164 -0.24 7.19 -31.11
N LEU D 165 1.00 6.97 -31.53
CA LEU D 165 1.70 7.88 -32.46
C LEU D 165 1.34 7.57 -33.90
N THR D 166 1.33 8.62 -34.72
CA THR D 166 1.14 8.50 -36.18
C THR D 166 2.51 8.18 -36.82
N GLU D 167 2.53 7.80 -38.09
CA GLU D 167 3.84 7.48 -38.75
C GLU D 167 4.68 8.76 -38.83
N GLU D 168 4.06 9.91 -39.10
CA GLU D 168 4.82 11.19 -39.14
C GLU D 168 5.52 11.34 -37.78
N GLN D 169 4.75 11.21 -36.70
CA GLN D 169 5.25 11.31 -35.31
C GLN D 169 6.32 10.26 -35.04
N LYS D 170 6.09 9.02 -35.46
CA LYS D 170 7.06 7.91 -35.25
C LYS D 170 8.38 8.20 -35.97
N ALA D 171 8.30 8.78 -37.15
CA ALA D 171 9.53 9.11 -37.90
C ALA D 171 10.35 10.13 -37.10
N ASN D 172 9.68 11.12 -36.51
CA ASN D 172 10.38 12.20 -35.78
C ASN D 172 10.36 11.95 -34.27
N PHE D 173 10.00 10.76 -33.81
CA PHE D 173 9.95 10.55 -32.34
C PHE D 173 11.32 10.13 -31.79
N LYS D 174 11.77 10.86 -30.79
CA LYS D 174 13.00 10.54 -30.04
C LYS D 174 12.57 10.22 -28.61
N PRO D 175 13.00 9.08 -28.04
CA PRO D 175 12.61 8.71 -26.69
C PRO D 175 13.13 9.67 -25.63
N ALA D 176 12.31 9.89 -24.61
CA ALA D 176 12.62 10.76 -23.46
C ALA D 176 13.69 10.09 -22.59
N GLU D 177 14.34 10.89 -21.78
CA GLU D 177 15.40 10.37 -20.90
C GLU D 177 14.78 9.32 -19.96
N VAL D 178 15.40 8.15 -19.88
CA VAL D 178 14.97 7.10 -18.92
C VAL D 178 15.24 7.72 -17.55
N PRO D 179 14.27 7.74 -16.62
CA PRO D 179 14.52 8.32 -15.31
C PRO D 179 15.48 7.41 -14.56
N GLU D 180 16.31 7.98 -13.69
CA GLU D 180 17.30 7.20 -12.89
C GLU D 180 16.63 6.53 -11.69
N ASP D 181 15.39 6.91 -11.38
CA ASP D 181 14.55 6.37 -10.29
C ASP D 181 14.31 4.87 -10.52
N PHE D 182 13.98 4.53 -11.76
CA PHE D 182 13.68 3.17 -12.27
C PHE D 182 14.92 2.60 -12.96
FE HEC E . -2.19 9.78 3.54
CHA HEC E . -1.10 8.62 6.60
CHB HEC E . -3.89 12.25 5.07
CHC HEC E . -2.79 11.18 0.47
CHD HEC E . -1.06 6.93 2.07
NA HEC E . -2.39 10.35 5.51
C1A HEC E . -1.94 9.78 6.61
C2A HEC E . -2.30 10.47 7.87
C3A HEC E . -3.10 11.58 7.40
C4A HEC E . -3.15 11.35 5.94
CMA HEC E . -3.84 12.64 8.14
CAA HEC E . -1.91 10.14 9.25
CBA HEC E . -3.19 9.58 9.86
CGA HEC E . -3.04 9.29 11.32
O1A HEC E . -2.16 9.89 11.97
O2A HEC E . -3.77 8.39 11.79
NB HEC E . -3.18 11.44 2.90
C1B HEC E . -3.87 12.29 3.63
C2B HEC E . -4.57 13.35 2.88
C3B HEC E . -4.21 13.04 1.50
C4B HEC E . -3.35 11.87 1.64
CMB HEC E . -5.43 14.44 3.43
CAB HEC E . -4.62 13.80 0.24
CBB HEC E . -3.98 15.15 0.17
NC HEC E . -1.97 9.15 1.62
C1C HEC E . -2.23 9.87 0.52
C2C HEC E . -1.97 9.18 -0.76
C3C HEC E . -1.44 7.90 -0.27
C4C HEC E . -1.50 7.99 1.18
CMC HEC E . -2.20 9.76 -2.12
CAC HEC E . -1.09 6.77 -1.19
CBC HEC E . -0.11 7.13 -2.27
ND HEC E . -1.28 8.07 4.24
C1D HEC E . -0.90 7.02 3.51
C2D HEC E . -0.22 5.98 4.25
C3D HEC E . -0.21 6.46 5.62
C4D HEC E . -0.87 7.77 5.46
CMD HEC E . 0.34 4.73 3.70
CAD HEC E . 0.42 5.88 6.81
CBD HEC E . 1.76 6.61 6.90
CGD HEC E . 2.44 6.62 8.25
O1D HEC E . 2.06 5.83 9.13
O2D HEC E . 3.41 7.40 8.47
N1 EPE F . 13.26 19.10 2.35
C2 EPE F . 12.83 19.79 1.12
C3 EPE F . 11.89 20.95 1.45
N4 EPE F . 10.75 20.56 2.31
C5 EPE F . 10.74 19.12 2.65
C6 EPE F . 12.11 18.63 3.16
C7 EPE F . 10.64 21.38 3.55
C8 EPE F . 9.20 21.86 3.69
O8 EPE F . 8.63 21.80 2.37
C9 EPE F . 14.11 17.94 2.04
C10 EPE F . 15.48 18.37 1.51
S EPE F . 16.73 17.43 2.10
O1S EPE F . 17.15 17.95 3.43
O2S EPE F . 17.83 17.50 1.10
O3S EPE F . 16.37 16.00 2.32
C1 GOL G . 8.01 10.56 17.74
O1 GOL G . 8.47 10.58 19.09
C2 GOL G . 6.86 11.51 17.53
O2 GOL G . 6.21 11.74 18.77
C3 GOL G . 7.23 12.83 16.88
O3 GOL G . 8.57 12.82 16.38
C1 GOL H . -14.38 -1.49 20.14
O1 GOL H . -13.56 -0.35 20.40
C2 GOL H . -13.83 -2.74 20.80
O2 GOL H . -12.40 -2.68 20.78
C3 GOL H . -14.27 -2.96 22.22
O3 GOL H . -15.58 -2.47 22.48
CA CA I . 2.62 13.08 17.20
FE FE J . -13.62 3.37 -2.31
NA NA K . -8.30 9.53 13.14
NA NA L . -7.16 5.99 12.03
FE HEC M . 0.61 -4.73 11.45
CHA HEC M . -1.16 -2.14 12.92
CHB HEC M . 1.58 -5.81 14.52
CHC HEC M . 2.07 -7.43 9.98
CHD HEC M . 0.04 -3.33 8.40
NA HEC M . 0.23 -4.09 13.35
C1A HEC M . -0.48 -3.07 13.77
C2A HEC M . -0.54 -2.93 15.25
C3A HEC M . 0.25 -4.05 15.72
C4A HEC M . 0.69 -4.65 14.48
CMA HEC M . 0.61 -4.44 17.14
CAA HEC M . -1.26 -1.88 16.03
CBA HEC M . -0.19 -1.01 16.65
CGA HEC M . -0.77 0.09 17.55
O1A HEC M . -0.16 1.18 17.60
O2A HEC M . -1.82 -0.14 18.19
NB HEC M . 1.65 -6.36 12.15
C1B HEC M . 2.01 -6.60 13.40
C2B HEC M . 2.83 -7.81 13.61
C3B HEC M . 2.96 -8.29 12.26
C4B HEC M . 2.21 -7.34 11.43
CMB HEC M . 3.39 -8.35 14.91
CAB HEC M . 3.70 -9.52 11.82
CBB HEC M . 3.07 -10.74 12.44
NC HEC M . 0.94 -5.31 9.51
C1C HEC M . 1.52 -6.44 9.10
C2C HEC M . 1.65 -6.61 7.65
C3C HEC M . 1.05 -5.36 7.18
C4C HEC M . 0.67 -4.64 8.40
CMC HEC M . 2.28 -7.74 6.89
CAC HEC M . 1.03 -4.95 5.75
CBC HEC M . 0.20 -5.80 4.83
ND HEC M . -0.37 -3.03 10.81
C1D HEC M . -0.51 -2.62 9.53
C2D HEC M . -1.27 -1.39 9.30
C3D HEC M . -1.62 -1.05 10.66
C4D HEC M . -1.03 -2.11 11.47
CMD HEC M . -1.60 -0.65 8.03
CAD HEC M . -2.47 0.06 11.12
CBD HEC M . -3.83 -0.70 11.30
CGD HEC M . -4.87 0.11 12.08
O1D HEC M . -5.95 -0.42 12.45
O2D HEC M . -4.60 1.29 12.42
N1 EPE N . 12.54 -25.83 20.80
C2 EPE N . 13.34 -24.79 20.12
C3 EPE N . 13.61 -23.59 21.02
N4 EPE N . 12.42 -23.20 21.79
C5 EPE N . 11.19 -23.79 21.24
C6 EPE N . 11.24 -25.32 21.22
C7 EPE N . 12.55 -23.53 23.23
C8 EPE N . 13.32 -22.41 23.95
O8 EPE N . 12.56 -21.18 23.99
C9 EPE N . 12.40 -26.94 19.83
C10 EPE N . 11.42 -28.02 20.18
S EPE N . 11.76 -29.37 19.25
O1S EPE N . 10.58 -30.18 19.15
O2S EPE N . 12.17 -28.95 17.91
O3S EPE N . 12.86 -30.12 19.87
N1 EPE O . -15.88 -20.18 21.00
C2 EPE O . -16.61 -19.16 21.78
C3 EPE O . -17.35 -18.17 20.89
N4 EPE O . -16.62 -17.95 19.62
C5 EPE O . -16.71 -19.20 18.83
C6 EPE O . -16.55 -20.44 19.70
C7 EPE O . -17.17 -16.74 18.96
C8 EPE O . -16.93 -16.63 17.46
O8 EPE O . -18.11 -17.08 16.76
C9 EPE O . -14.44 -19.85 20.85
C10 EPE O . -13.72 -20.45 22.07
S EPE O . -12.04 -20.37 22.01
O1S EPE O . -11.53 -20.85 20.71
O2S EPE O . -11.55 -19.00 22.28
O3S EPE O . -11.55 -21.24 23.10
C1 GOL P . -11.57 -16.09 13.22
O1 GOL P . -11.39 -17.49 13.04
C2 GOL P . -11.28 -15.64 14.65
O2 GOL P . -10.04 -14.93 14.71
C3 GOL P . -12.36 -14.75 15.23
O3 GOL P . -13.51 -15.50 15.62
CA CA Q . -7.95 -0.17 22.93
FE FE R . 13.05 -1.35 5.84
NA NA S . 3.09 3.88 17.32
NA NA T . 3.78 1.49 20.27
FE HEC U . 5.26 -9.09 -3.49
CHA HEC U . 5.15 -7.46 -6.52
CHB HEC U . 5.70 -12.08 -5.07
CHC HEC U . 5.89 -10.53 -0.47
CHD HEC U . 4.13 -6.28 -1.96
NA HEC U . 5.39 -9.65 -5.46
C1A HEC U . 5.37 -8.91 -6.55
C2A HEC U . 5.58 -9.65 -7.83
C3A HEC U . 5.74 -11.03 -7.39
C4A HEC U . 5.62 -10.91 -5.92
CMA HEC U . 5.97 -12.27 -8.20
CAA HEC U . 5.56 -9.14 -9.24
CBA HEC U . 4.31 -9.68 -9.90
CGA HEC U . 4.20 -9.30 -11.36
O1A HEC U . 3.04 -9.20 -11.81
O2A HEC U . 5.25 -9.10 -12.03
NB HEC U . 5.69 -10.99 -2.88
C1B HEC U . 5.77 -12.11 -3.64
C2B HEC U . 6.08 -13.37 -2.92
C3B HEC U . 6.16 -12.87 -1.55
C4B HEC U . 5.93 -11.42 -1.65
CMB HEC U . 6.25 -14.79 -3.41
CAB HEC U . 6.44 -13.74 -0.34
CBB HEC U . 7.84 -14.22 -0.42
NC HEC U . 5.06 -8.50 -1.54
C1C HEC U . 5.41 -9.16 -0.47
C2C HEC U . 5.16 -8.52 0.83
C3C HEC U . 4.61 -7.26 0.39
C4C HEC U . 4.53 -7.37 -1.08
CMC HEC U . 5.46 -9.14 2.18
CAC HEC U . 4.09 -6.18 1.28
CBC HEC U . 5.06 -5.62 2.25
ND HEC U . 4.70 -7.22 -4.14
C1D HEC U . 4.29 -6.19 -3.40
C2D HEC U . 4.00 -4.95 -4.13
C3D HEC U . 4.29 -5.29 -5.50
C4D HEC U . 4.76 -6.68 -5.37
CMD HEC U . 3.51 -3.64 -3.63
CAD HEC U . 4.27 -4.42 -6.71
CBD HEC U . 5.77 -3.96 -6.75
CGD HEC U . 6.32 -3.61 -8.11
O1D HEC U . 5.54 -3.32 -9.07
O2D HEC U . 7.58 -3.53 -8.21
N1 EPE V . 19.93 -24.50 4.16
C2 EPE V . 19.05 -25.55 4.70
C3 EPE V . 18.48 -25.09 6.05
N4 EPE V . 19.58 -24.73 6.99
C5 EPE V . 20.51 -23.75 6.38
C6 EPE V . 21.08 -24.30 5.07
C7 EPE V . 19.08 -24.31 8.34
C8 EPE V . 18.40 -22.94 8.44
O8 EPE V . 16.97 -23.07 8.54
C9 EPE V . 20.31 -24.71 2.75
C10 EPE V . 19.54 -23.66 1.98
S EPE V . 19.56 -23.73 0.31
O1S EPE V . 18.30 -23.08 -0.03
O2S EPE V . 20.68 -22.96 -0.30
O3S EPE V . 19.55 -25.11 -0.22
CA CA W . 10.77 -8.31 -17.22
FE FE X . -7.59 -12.74 2.37
NA NA Y . 0.37 -13.03 -12.83
NA NA Z . -0.99 -10.11 -11.68
FE HEC AA . -2.59 3.46 -11.53
CHA HEC AA . -2.19 0.41 -13.01
CHB HEC AA . -2.52 4.98 -14.58
CHC HEC AA . -3.45 6.42 -10.01
CHD HEC AA . -2.09 2.08 -8.45
NA HEC AA . -2.43 2.81 -13.46
C1A HEC AA . -2.31 1.56 -13.88
C2A HEC AA . -2.22 1.41 -15.36
C3A HEC AA . -2.33 2.78 -15.82
C4A HEC AA . -2.43 3.55 -14.56
CMA HEC AA . -2.33 3.32 -17.20
CAA HEC AA . -2.04 0.13 -16.15
CBA HEC AA . -0.62 0.18 -16.74
CGA HEC AA . -0.34 -1.07 -17.58
O1A HEC AA . 0.82 -1.53 -17.54
O2A HEC AA . -1.28 -1.63 -18.23
NB HEC AA . -2.91 5.37 -12.18
C1B HEC AA . -2.80 5.83 -13.43
C2B HEC AA . -3.02 7.26 -13.61
C3B HEC AA . -3.34 7.67 -12.27
C4B HEC AA . -3.22 6.45 -11.46
CMB HEC AA . -2.98 8.10 -14.88
CAB HEC AA . -3.65 9.08 -11.86
CBB HEC AA . -4.94 9.48 -12.49
NC HEC AA . -2.74 4.14 -9.60
C1C HEC AA . -3.14 5.33 -9.16
C2C HEC AA . -3.18 5.55 -7.72
C3C HEC AA . -2.77 4.24 -7.23
C4C HEC AA . -2.51 3.45 -8.46
CMC HEC AA . -3.55 6.85 -6.99
CAC HEC AA . -2.55 3.92 -5.77
CBC HEC AA . -3.73 4.16 -4.89
ND HEC AA . -2.17 1.57 -10.84
C1D HEC AA . -2.00 1.17 -9.57
C2D HEC AA . -1.77 -0.25 -9.40
C3D HEC AA . -1.80 -0.75 -10.77
C4D HEC AA . -2.05 0.45 -11.54
CMD HEC AA . -1.54 -1.01 -8.12
CAD HEC AA . -1.67 -2.13 -11.33
CBD HEC AA . -3.11 -2.64 -11.43
CGD HEC AA . -3.23 -3.90 -12.29
O1D HEC AA . -2.15 -4.49 -12.64
O2D HEC AA . -4.40 -4.28 -12.65
CA CA BA . -5.57 -6.07 -23.01
FE FE CA . 9.58 9.72 -6.66
NA NA DA . 5.14 -1.25 -17.33
NA NA EA . 4.12 1.07 -20.25
#